data_7YIU
#
_entry.id   7YIU
#
_cell.length_a   1.00
_cell.length_b   1.00
_cell.length_c   1.00
_cell.angle_alpha   90.00
_cell.angle_beta   90.00
_cell.angle_gamma   90.00
#
_symmetry.space_group_name_H-M   'P 1'
#
loop_
_entity.id
_entity.type
_entity.pdbx_description
1 polymer 'Serine palmitoyltransferase 2'
2 polymer 'Serine palmitoyltransferase 1'
3 polymer 'ORM1-like protein 3'
4 polymer 'Serine palmitoyltransferase small subunit A'
5 polymer 'Serine palmitoyltransferase 1'
6 non-polymer "PYRIDOXAL-5'-PHOSPHATE"
7 non-polymer N-((E,2S,3R)-1,3-DIHYDROXYOCTADEC-4-EN-2-YL)HEXANAMIDE
8 non-polymer HEXADECANE
#
loop_
_entity_poly.entity_id
_entity_poly.type
_entity_poly.pdbx_seq_one_letter_code
_entity_poly.pdbx_strand_id
1 'polypeptide(L)'
;MRPEPGGCCCRRTVRANGCVANGEVRNGYVRSSAAAAAAAAAGQIHHVTQNGGLYKRPFNEAFEETPMLVAVLTYVGYGV
LTLFGYLRDFLRYWRIEKCHHATEREEQKDFVSLYQDFENFYTRNLYMRIRDNWNRPICSVPGARVDIMERQSHDYNWSF
KYTGNIIKGVINMGSYNYLGFARNTGSCQEAAAKVLEEYGAGVCSTRQEIGNLDKHEELEELVARFLGVEAAMAYGMGFA
TNSMNIPALVGKGCLILSDELNHASLVLGARLSGATIRIFKHNNMQSLEKLLKDAIVYGQPRTRRPWKKILILVEGIYSM
EGSIVRLPEVIALKKKYKAYLYLDEAHSIGALGPTGRGVVEYFGLDPEDVDVMMGTFTKSFGASGGYIGGKKELIDYLRT
HSHSAVYATSLSPPVVEQIITSMKCIMGQDGTSLGKECVQQLAENTRYFRRRLKEMGFIIYGNEDSPVVPLMLYMPAKIG
AFGREMLKRNIGVVVVGFPATPIIESRARFCLSAAHTKEILDTALKEIDEVGDLLQLKYSRHRLVPLLDRPFDETTYEET
ED
;
B
2 'polypeptide(L)' MATATEQWVLVEMVQALYEAPAYHLILEGILILWIIRLLFSKTYKLQERS E
3 'polypeptide(L)'
;MNVGTAHSEVNPNTRVMNSRGIWLSYVLAIGLLHIVLLSIPFVSVPVVWTLTNLIHNMGMYIFLHTVKGTPFETPDQGKA
RLLTHWEQMDYGVQFTASRKFLTITPIVLYFLTSFYTKYDQIHFVLNTVSLMSVLIPKLPQLHGVRIFGINKY
;
D
4 'polypeptide(L)'
;MADYKDDDDKSGPDEVDASGRMAGMALARAWKQMSWFYYQYLLVTALYMLEPWERTVFNSMLVSIVGMALYTGYVFMPQH
IMAILHYFEIVQ
;
C
5 'polypeptide(L)'
;DLTVKEKEELIEEWQPEPLVPPVPKDHPALNYNIVSGPPSHKTVVNGKECINFASFNFLGLLDNPRVKAAALASLKKYGV
GTCGPRGFYGTFDVHLDLEDRLAKFMKTEEAIIYSYGFATIASAIPAYSKRGDIVFVDRAACFAIQKGLQASRSDIKLFK
HNDMADLERLLKEQEIEDQKNPRKARVTRRFIVVEGLYMNTGTICPLPELVKLKYKYKARIFLEESLSFGVLGEHGRGVT
EHYGINIDDIDLISANMENALASIGGFCCGRSFVIDHQRLSGQGYCFSASLPPLLAAAAIEALNIMEENPGIFAVLKEKC
GQIHKALQGISGLKVVGESLSPAFHLQLEESTGSREQDVRLLQEIVDQCMNRSIALTQARYLEKEEKCLPPPSIRVVVTV
EQTEEELERAASTIKEVAQAVLL
;
A
#
loop_
_chem_comp.id
_chem_comp.type
_chem_comp.name
_chem_comp.formula
6CM non-polymer N-((E,2S,3R)-1,3-DIHYDROXYOCTADEC-4-EN-2-YL)HEXANAMIDE 'C24 H47 N O3'
PLP non-polymer PYRIDOXAL-5'-PHOSPHATE 'C8 H10 N O6 P'
R16 non-polymer HEXADECANE 'C16 H34'
#
# COMPACT_ATOMS: atom_id res chain seq x y z
N ILE A 45 -17.10 -13.83 -33.99
CA ILE A 45 -17.46 -13.09 -35.19
C ILE A 45 -16.20 -12.58 -35.89
N HIS A 46 -15.20 -12.17 -35.11
CA HIS A 46 -13.95 -11.69 -35.67
C HIS A 46 -12.95 -12.84 -35.75
N HIS A 47 -12.61 -13.43 -34.61
CA HIS A 47 -11.75 -14.59 -34.55
C HIS A 47 -11.94 -15.30 -33.21
N VAL A 48 -11.67 -16.60 -33.18
CA VAL A 48 -11.75 -17.38 -31.95
C VAL A 48 -10.39 -17.97 -31.65
N THR A 49 -10.01 -17.97 -30.38
CA THR A 49 -8.78 -18.60 -29.93
C THR A 49 -9.09 -20.02 -29.46
N GLN A 50 -8.06 -20.87 -29.44
CA GLN A 50 -8.22 -22.25 -29.03
C GLN A 50 -8.69 -22.41 -27.59
N ASN A 51 -8.49 -21.37 -26.79
CA ASN A 51 -8.88 -21.40 -25.38
C ASN A 51 -10.37 -21.14 -25.18
N GLY A 52 -11.17 -21.33 -26.23
CA GLY A 52 -12.62 -21.17 -26.17
C GLY A 52 -13.12 -19.75 -26.35
N GLY A 53 -12.21 -18.77 -26.29
CA GLY A 53 -12.63 -17.38 -26.34
C GLY A 53 -12.97 -16.93 -27.75
N LEU A 54 -14.03 -16.11 -27.84
CA LEU A 54 -14.49 -15.55 -29.09
C LEU A 54 -14.46 -14.04 -29.01
N TYR A 55 -13.73 -13.42 -29.93
CA TYR A 55 -13.63 -11.97 -30.01
C TYR A 55 -14.48 -11.44 -31.16
N LYS A 56 -15.17 -10.33 -30.90
CA LYS A 56 -16.04 -9.73 -31.90
C LYS A 56 -15.41 -8.56 -32.63
N ARG A 57 -14.42 -7.93 -32.00
CA ARG A 57 -13.71 -6.80 -32.56
C ARG A 57 -12.22 -7.07 -32.39
N PRO A 58 -11.38 -6.53 -33.27
CA PRO A 58 -9.94 -6.76 -33.14
C PRO A 58 -9.43 -6.27 -31.79
N PHE A 59 -8.57 -7.06 -31.16
CA PHE A 59 -8.00 -6.74 -29.86
C PHE A 59 -6.49 -6.66 -30.01
N ASN A 60 -5.98 -5.46 -30.28
CA ASN A 60 -4.54 -5.30 -30.48
C ASN A 60 -3.83 -4.38 -29.50
N GLU A 61 -2.75 -4.90 -28.89
CA GLU A 61 -1.95 -4.15 -27.94
C GLU A 61 -0.53 -4.01 -28.48
N ALA A 62 0.31 -3.25 -27.78
CA ALA A 62 1.68 -3.04 -28.21
C ALA A 62 2.59 -2.72 -27.03
N PHE A 63 3.63 -3.51 -26.85
CA PHE A 63 4.57 -3.30 -25.75
C PHE A 63 6.02 -3.40 -26.24
N GLU A 64 6.48 -2.38 -26.95
CA GLU A 64 7.85 -2.38 -27.46
C GLU A 64 8.89 -2.47 -26.36
N GLU A 65 9.98 -3.16 -26.63
CA GLU A 65 11.04 -3.31 -25.63
C GLU A 65 12.14 -2.27 -25.87
N THR A 66 12.83 -1.92 -24.80
CA THR A 66 13.85 -0.88 -24.83
C THR A 66 15.10 -1.24 -25.63
N PRO A 67 15.54 -0.30 -26.48
CA PRO A 67 16.74 -0.43 -27.32
C PRO A 67 17.99 -0.77 -26.51
N MET A 68 18.85 -1.62 -27.08
CA MET A 68 20.06 -2.04 -26.38
C MET A 68 20.94 -0.91 -25.88
N LEU A 69 21.12 0.14 -26.68
CA LEU A 69 21.97 1.25 -26.25
C LEU A 69 21.33 2.12 -25.19
N VAL A 70 20.01 2.22 -25.22
CA VAL A 70 19.28 3.01 -24.24
C VAL A 70 19.11 2.24 -22.93
N ALA A 71 19.23 0.92 -23.01
CA ALA A 71 19.10 0.08 -21.83
C ALA A 71 20.39 0.04 -21.06
N VAL A 72 21.52 0.12 -21.77
CA VAL A 72 22.83 0.09 -21.14
C VAL A 72 23.20 1.41 -20.48
N LEU A 73 22.56 2.50 -20.89
CA LEU A 73 22.85 3.81 -20.34
C LEU A 73 22.10 4.13 -19.04
N THR A 74 21.07 3.34 -18.72
CA THR A 74 20.34 3.59 -17.49
C THR A 74 21.05 2.96 -16.29
N TYR A 75 21.96 2.03 -16.57
CA TYR A 75 22.71 1.38 -15.49
C TYR A 75 23.89 2.25 -15.08
N VAL A 76 24.27 3.17 -15.96
CA VAL A 76 25.35 4.09 -15.67
C VAL A 76 24.86 5.11 -14.66
N GLY A 77 23.59 5.51 -14.82
CA GLY A 77 22.97 6.45 -13.90
C GLY A 77 22.72 5.86 -12.53
N TYR A 78 22.23 4.63 -12.47
CA TYR A 78 22.01 4.00 -11.18
C TYR A 78 23.29 3.70 -10.42
N GLY A 79 24.36 3.29 -11.09
CA GLY A 79 25.64 3.11 -10.44
C GLY A 79 26.22 4.41 -9.91
N VAL A 80 26.19 5.46 -10.72
CA VAL A 80 26.73 6.74 -10.28
C VAL A 80 25.95 7.28 -9.10
N LEU A 81 24.72 6.83 -8.94
CA LEU A 81 23.87 7.28 -7.84
C LEU A 81 24.05 6.42 -6.61
N THR A 82 24.45 5.18 -6.81
CA THR A 82 24.67 4.25 -5.71
C THR A 82 26.03 4.50 -5.10
N LEU A 83 27.02 4.74 -5.95
CA LEU A 83 28.38 5.00 -5.50
C LEU A 83 28.47 6.33 -4.76
N PHE A 84 27.67 7.29 -5.21
CA PHE A 84 27.66 8.61 -4.59
C PHE A 84 26.81 8.62 -3.33
N GLY A 85 25.96 7.62 -3.15
CA GLY A 85 25.11 7.52 -1.99
C GLY A 85 25.84 6.86 -0.83
N TYR A 86 26.88 6.11 -1.14
CA TYR A 86 27.68 5.43 -0.13
C TYR A 86 28.69 6.40 0.44
N LEU A 87 29.03 7.41 -0.34
CA LEU A 87 29.99 8.42 0.08
C LEU A 87 29.36 9.45 0.99
N ARG A 88 28.04 9.54 0.95
CA ARG A 88 27.32 10.48 1.80
C ARG A 88 27.04 9.87 3.15
N ASP A 89 26.88 8.56 3.18
CA ASP A 89 26.62 7.85 4.43
C ASP A 89 27.86 7.93 5.29
N PHE A 90 29.01 7.65 4.69
CA PHE A 90 30.26 7.69 5.42
C PHE A 90 30.66 9.13 5.73
N LEU A 91 30.11 10.06 4.97
CA LEU A 91 30.40 11.47 5.15
C LEU A 91 29.52 12.10 6.23
N ARG A 92 28.50 11.38 6.66
CA ARG A 92 27.59 11.88 7.68
C ARG A 92 27.94 11.31 9.05
N TYR A 93 29.12 10.71 9.13
CA TYR A 93 29.61 10.11 10.37
C TYR A 93 30.56 11.08 11.06
N TRP A 94 31.84 10.93 10.71
CA TRP A 94 32.92 11.75 11.24
C TRP A 94 33.08 13.05 10.48
N ARG A 95 31.97 13.65 10.08
CA ARG A 95 32.01 14.91 9.35
C ARG A 95 30.70 15.66 9.45
N ILE A 96 30.05 15.85 8.32
CA ILE A 96 28.78 16.56 8.21
C ILE A 96 27.77 16.20 9.30
N GLU A 97 27.40 17.20 10.08
CA GLU A 97 26.46 17.01 11.18
C GLU A 97 25.03 16.82 10.68
N LYS A 98 24.76 17.38 9.50
CA LYS A 98 23.44 17.30 8.87
C LYS A 98 22.33 17.69 9.83
N CYS A 99 22.49 18.84 10.49
CA CYS A 99 21.51 19.33 11.44
C CYS A 99 20.23 19.82 10.77
N HIS A 100 19.37 18.89 10.40
CA HIS A 100 18.10 19.18 9.75
C HIS A 100 17.19 17.95 9.82
N HIS A 101 17.80 16.79 10.03
CA HIS A 101 17.07 15.53 10.12
C HIS A 101 16.52 15.32 11.52
N ALA A 102 15.62 14.36 11.67
CA ALA A 102 15.01 14.06 12.95
C ALA A 102 15.80 12.97 13.66
N THR A 103 15.79 12.99 14.99
CA THR A 103 16.52 12.00 15.77
C THR A 103 15.73 11.55 16.99
N GLU A 104 16.26 10.57 17.71
CA GLU A 104 15.60 10.05 18.89
C GLU A 104 15.71 11.04 20.03
N ARG A 105 14.99 10.78 21.11
CA ARG A 105 15.05 11.64 22.29
C ARG A 105 16.31 11.34 23.06
N GLU A 106 16.74 12.26 23.91
CA GLU A 106 17.95 12.07 24.69
C GLU A 106 17.79 10.97 25.74
N GLU A 107 16.57 10.80 26.24
CA GLU A 107 16.28 9.79 27.25
C GLU A 107 15.78 8.48 26.68
N GLN A 108 16.20 8.16 25.46
CA GLN A 108 15.81 6.93 24.79
C GLN A 108 16.93 6.45 23.89
N LYS A 109 18.17 6.73 24.27
CA LYS A 109 19.32 6.34 23.48
C LYS A 109 19.79 4.92 23.78
N ASP A 110 19.18 4.30 24.79
CA ASP A 110 19.53 2.95 25.18
C ASP A 110 18.62 1.91 24.54
N PHE A 111 17.48 2.37 24.02
CA PHE A 111 16.54 1.47 23.38
C PHE A 111 17.11 1.04 22.03
N VAL A 112 16.73 -0.15 21.57
CA VAL A 112 17.20 -0.60 20.28
C VAL A 112 16.65 0.37 19.24
N SER A 113 17.50 0.81 18.32
CA SER A 113 17.13 1.76 17.29
C SER A 113 15.82 1.41 16.57
N LEU A 114 14.93 2.38 16.50
CA LEU A 114 13.62 2.21 15.91
C LEU A 114 13.60 1.71 14.46
N TYR A 115 14.51 2.23 13.63
CA TYR A 115 14.51 1.84 12.23
C TYR A 115 15.76 1.06 11.88
N GLN A 116 15.66 0.29 10.81
CA GLN A 116 16.79 -0.37 10.19
C GLN A 116 17.44 0.62 9.23
N ASP A 117 18.72 0.91 9.46
CA ASP A 117 19.34 2.03 8.77
C ASP A 117 19.46 1.78 7.28
N PHE A 118 19.84 0.57 6.88
CA PHE A 118 20.08 0.32 5.46
C PHE A 118 18.83 0.52 4.63
N GLU A 119 17.72 -0.04 5.10
CA GLU A 119 16.44 0.21 4.46
C GLU A 119 16.30 1.73 4.52
N ASN A 120 15.61 2.30 3.54
CA ASN A 120 15.43 3.75 3.38
C ASN A 120 16.72 4.47 2.94
N PHE A 121 17.60 3.71 2.30
CA PHE A 121 18.85 4.18 1.74
C PHE A 121 18.49 4.91 0.46
N TYR A 122 17.49 4.39 -0.23
CA TYR A 122 17.00 4.98 -1.47
C TYR A 122 16.17 6.20 -1.17
N THR A 123 15.55 6.22 0.00
CA THR A 123 14.71 7.33 0.41
C THR A 123 15.51 8.61 0.58
N ARG A 124 16.61 8.52 1.31
CA ARG A 124 17.46 9.68 1.56
C ARG A 124 18.50 9.91 0.49
N ASN A 125 18.76 8.96 -0.40
CA ASN A 125 19.80 9.13 -1.40
C ASN A 125 19.27 9.28 -2.82
N LEU A 126 18.07 8.79 -3.11
CA LEU A 126 17.55 8.92 -4.47
C LEU A 126 16.20 9.64 -4.51
N TYR A 127 15.31 9.30 -3.58
CA TYR A 127 13.97 9.90 -3.60
C TYR A 127 14.01 11.35 -3.14
N MET A 128 14.85 11.66 -2.17
CA MET A 128 14.94 13.02 -1.64
C MET A 128 15.38 14.02 -2.69
N ARG A 129 16.07 13.58 -3.74
CA ARG A 129 16.64 14.50 -4.70
C ARG A 129 15.59 15.04 -5.67
N ILE A 130 14.56 14.25 -5.97
CA ILE A 130 13.58 14.63 -6.97
C ILE A 130 12.18 14.58 -6.40
N ARG A 131 12.05 14.72 -5.09
CA ARG A 131 10.76 14.61 -4.41
C ARG A 131 9.79 15.75 -4.62
N ASP A 132 10.23 16.82 -5.27
CA ASP A 132 9.37 17.96 -5.53
C ASP A 132 8.44 17.72 -6.70
N ASN A 133 8.29 16.46 -7.11
CA ASN A 133 7.42 16.09 -8.22
C ASN A 133 6.11 15.47 -7.77
N TRP A 134 5.93 15.22 -6.47
CA TRP A 134 4.82 14.36 -6.10
C TRP A 134 3.75 15.00 -5.23
N ASN A 135 4.10 15.50 -4.05
CA ASN A 135 3.05 15.89 -3.13
C ASN A 135 2.58 17.32 -3.36
N ARG A 136 2.25 17.65 -4.59
CA ARG A 136 1.93 19.03 -4.94
C ARG A 136 0.54 19.38 -4.44
N PRO A 137 0.40 20.41 -3.61
CA PRO A 137 -0.92 20.77 -3.09
C PRO A 137 -1.68 21.65 -4.07
N ILE A 138 -2.96 21.34 -4.27
CA ILE A 138 -3.81 22.09 -5.18
C ILE A 138 -4.91 22.77 -4.39
N CYS A 139 -5.45 23.85 -4.94
CA CYS A 139 -6.38 24.70 -4.21
C CYS A 139 -7.59 25.06 -5.08
N SER A 140 -8.13 24.07 -5.78
CA SER A 140 -9.33 24.26 -6.59
C SER A 140 -9.95 22.90 -6.86
N VAL A 141 -11.06 22.90 -7.60
CA VAL A 141 -11.72 21.67 -7.99
C VAL A 141 -10.89 20.99 -9.07
N PRO A 142 -10.49 19.75 -8.88
CA PRO A 142 -9.58 19.12 -9.85
C PRO A 142 -10.27 18.61 -11.10
N GLY A 143 -10.20 19.36 -12.20
CA GLY A 143 -10.52 18.78 -13.48
C GLY A 143 -10.21 19.70 -14.64
N ALA A 144 -9.40 19.19 -15.57
CA ALA A 144 -9.09 19.80 -16.87
C ALA A 144 -8.30 21.10 -16.74
N ARG A 145 -8.31 21.69 -15.54
CA ARG A 145 -7.64 22.94 -15.21
C ARG A 145 -7.61 23.06 -13.69
N VAL A 146 -6.42 23.08 -13.11
CA VAL A 146 -6.30 23.06 -11.67
C VAL A 146 -5.30 24.12 -11.21
N ASP A 147 -5.57 24.71 -10.05
CA ASP A 147 -4.64 25.63 -9.41
C ASP A 147 -3.63 24.85 -8.60
N ILE A 148 -2.37 25.28 -8.64
CA ILE A 148 -1.31 24.62 -7.88
C ILE A 148 -0.58 25.67 -7.06
N MET A 149 -0.29 25.34 -5.80
CA MET A 149 0.41 26.28 -4.93
C MET A 149 1.90 26.16 -5.10
N GLU A 150 2.53 27.23 -5.58
CA GLU A 150 3.96 27.25 -5.80
C GLU A 150 4.74 27.12 -4.49
N ARG A 151 5.78 26.31 -4.51
CA ARG A 151 6.62 26.09 -3.35
C ARG A 151 8.07 25.95 -3.79
N GLN A 152 9.01 26.27 -2.91
CA GLN A 152 10.42 26.18 -3.26
C GLN A 152 11.28 25.73 -2.09
N SER A 153 12.37 25.03 -2.41
CA SER A 153 13.27 24.53 -1.39
C SER A 153 14.63 25.21 -1.48
N HIS A 154 15.31 25.34 -0.34
CA HIS A 154 16.63 25.97 -0.32
C HIS A 154 17.68 25.00 0.17
N ASP A 155 17.27 23.79 0.52
CA ASP A 155 18.20 22.78 1.00
C ASP A 155 18.05 21.47 0.24
N TYR A 156 17.80 21.58 -1.06
CA TYR A 156 17.66 20.41 -1.93
C TYR A 156 16.59 19.46 -1.40
N ASN A 157 15.38 20.00 -1.29
CA ASN A 157 14.14 19.28 -1.02
C ASN A 157 14.05 18.73 0.40
N TRP A 158 15.02 19.03 1.26
CA TRP A 158 14.96 18.52 2.62
C TRP A 158 13.87 19.28 3.37
N SER A 159 13.63 20.51 2.94
CA SER A 159 12.61 21.37 3.54
C SER A 159 11.92 22.14 2.43
N PHE A 160 10.66 22.50 2.65
CA PHE A 160 9.90 23.26 1.66
C PHE A 160 9.29 24.49 2.30
N LYS A 161 8.82 25.41 1.48
CA LYS A 161 8.19 26.64 1.96
C LYS A 161 7.35 27.24 0.85
N TYR A 162 6.13 27.64 1.19
CA TYR A 162 5.22 28.22 0.23
C TYR A 162 5.44 29.70 0.02
N THR A 163 5.85 30.07 -1.20
CA THR A 163 6.11 31.46 -1.53
C THR A 163 4.87 32.31 -1.25
N GLY A 164 3.76 32.00 -1.91
CA GLY A 164 2.54 32.75 -1.70
C GLY A 164 1.69 32.93 -2.95
N ASN A 165 2.31 32.72 -4.12
CA ASN A 165 1.57 32.87 -5.37
C ASN A 165 1.00 31.54 -5.85
N ILE A 166 -0.03 31.62 -6.68
CA ILE A 166 -0.70 30.44 -7.21
C ILE A 166 -0.63 30.39 -8.73
N ILE A 167 -0.42 29.19 -9.27
CA ILE A 167 -0.36 28.98 -10.72
C ILE A 167 -1.79 28.83 -11.22
N LYS A 168 -2.27 29.87 -11.90
CA LYS A 168 -3.65 29.95 -12.36
C LYS A 168 -4.25 28.80 -13.15
N GLY A 169 -3.66 28.42 -14.27
CA GLY A 169 -4.25 27.37 -15.05
C GLY A 169 -3.29 26.30 -15.49
N VAL A 170 -3.47 25.08 -15.01
CA VAL A 170 -2.59 23.96 -15.34
C VAL A 170 -3.43 22.86 -15.96
N ILE A 171 -3.03 22.38 -17.12
CA ILE A 171 -3.78 21.32 -17.80
C ILE A 171 -3.64 20.05 -16.99
N ASN A 172 -4.72 19.65 -16.32
CA ASN A 172 -4.66 18.52 -15.41
C ASN A 172 -4.70 17.22 -16.17
N MET A 173 -3.60 16.46 -16.11
CA MET A 173 -3.58 15.13 -16.70
C MET A 173 -2.96 14.12 -15.75
N GLY A 174 -3.25 14.27 -14.46
CA GLY A 174 -2.75 13.33 -13.46
C GLY A 174 -3.81 12.93 -12.45
N SER A 175 -5.07 13.23 -12.74
CA SER A 175 -6.18 12.86 -11.86
C SER A 175 -7.14 11.96 -12.62
N TYR A 176 -7.62 10.92 -11.95
CA TYR A 176 -8.64 10.06 -12.54
C TYR A 176 -9.96 10.81 -12.59
N ASN A 177 -10.30 11.35 -13.76
CA ASN A 177 -11.50 12.15 -13.90
C ASN A 177 -12.19 11.83 -15.22
N TYR A 178 -12.31 10.54 -15.53
CA TYR A 178 -13.00 10.14 -16.74
C TYR A 178 -14.44 10.64 -16.65
N LEU A 179 -15.02 10.99 -17.79
CA LEU A 179 -16.39 11.48 -17.91
C LEU A 179 -16.58 12.86 -17.28
N GLY A 180 -15.59 13.37 -16.55
CA GLY A 180 -15.61 14.71 -16.02
C GLY A 180 -16.75 15.06 -15.08
N PHE A 181 -17.04 14.18 -14.13
CA PHE A 181 -18.12 14.42 -13.17
C PHE A 181 -17.63 15.20 -11.97
N ALA A 182 -16.36 15.57 -12.00
CA ALA A 182 -15.75 16.34 -10.92
C ALA A 182 -15.89 17.83 -11.17
N ARG A 183 -17.03 18.40 -10.81
CA ARG A 183 -17.26 19.83 -10.98
C ARG A 183 -17.86 20.42 -9.71
N ASN A 184 -17.78 21.74 -9.56
CA ASN A 184 -18.33 22.38 -8.38
C ASN A 184 -19.64 23.11 -8.70
N THR A 185 -20.23 22.74 -9.83
CA THR A 185 -21.50 23.31 -10.27
C THR A 185 -22.35 22.19 -10.88
N GLY A 186 -23.47 22.55 -11.47
CA GLY A 186 -24.34 21.55 -12.07
C GLY A 186 -25.46 21.09 -11.17
N SER A 187 -26.25 20.16 -11.66
CA SER A 187 -27.38 19.62 -10.91
C SER A 187 -27.01 18.36 -10.16
N CYS A 188 -25.73 18.03 -10.19
CA CYS A 188 -25.24 16.84 -9.51
C CYS A 188 -24.71 17.20 -8.12
N GLN A 189 -24.12 18.39 -8.01
CA GLN A 189 -23.58 18.87 -6.74
C GLN A 189 -24.60 19.75 -6.03
N GLU A 190 -25.74 19.96 -6.67
CA GLU A 190 -26.81 20.78 -6.10
C GLU A 190 -27.74 19.90 -5.29
N ALA A 191 -27.68 18.59 -5.53
CA ALA A 191 -28.52 17.64 -4.82
C ALA A 191 -27.79 17.05 -3.63
N ALA A 192 -26.47 17.28 -3.57
CA ALA A 192 -25.67 16.78 -2.47
C ALA A 192 -25.69 17.77 -1.32
N ALA A 193 -26.02 19.02 -1.62
CA ALA A 193 -26.09 20.06 -0.62
C ALA A 193 -27.46 20.04 0.05
N LYS A 194 -28.41 19.38 -0.59
CA LYS A 194 -29.77 19.27 -0.07
C LYS A 194 -29.85 18.09 0.88
N VAL A 195 -28.97 17.12 0.68
CA VAL A 195 -28.93 15.93 1.52
C VAL A 195 -27.87 16.08 2.60
N LEU A 196 -27.29 17.27 2.70
CA LEU A 196 -26.28 17.57 3.70
C LEU A 196 -26.80 18.61 4.68
N GLU A 197 -27.97 19.16 4.39
CA GLU A 197 -28.58 20.16 5.24
C GLU A 197 -29.62 19.53 6.16
N GLU A 198 -29.74 18.21 6.09
CA GLU A 198 -30.70 17.50 6.92
C GLU A 198 -30.28 16.06 7.17
N TYR A 199 -28.98 15.84 7.28
CA TYR A 199 -28.45 14.50 7.52
C TYR A 199 -27.13 14.61 8.24
N GLY A 200 -26.39 15.67 7.94
CA GLY A 200 -25.09 15.89 8.55
C GLY A 200 -24.01 15.30 7.67
N ALA A 201 -22.75 15.58 8.00
CA ALA A 201 -21.63 15.08 7.23
C ALA A 201 -21.48 13.57 7.31
N GLY A 202 -21.26 13.06 8.52
CA GLY A 202 -21.09 11.63 8.68
C GLY A 202 -22.01 11.00 9.71
N VAL A 203 -22.08 9.68 9.68
CA VAL A 203 -22.89 8.91 10.62
C VAL A 203 -22.06 8.58 11.84
N CYS A 204 -22.63 7.87 12.80
CA CYS A 204 -21.87 7.54 14.01
C CYS A 204 -22.03 6.10 14.46
N SER A 205 -22.25 5.19 13.53
CA SER A 205 -22.42 3.80 13.90
C SER A 205 -22.06 2.84 12.77
N THR A 206 -22.40 1.57 12.97
CA THR A 206 -22.07 0.51 12.02
C THR A 206 -23.35 0.00 11.36
N ARG A 207 -23.19 -0.76 10.27
CA ARG A 207 -24.35 -1.24 9.53
C ARG A 207 -25.18 -2.22 10.35
N GLN A 208 -24.51 -3.16 11.00
CA GLN A 208 -25.21 -4.16 11.80
C GLN A 208 -25.85 -3.58 13.04
N GLU A 209 -25.59 -2.32 13.32
CA GLU A 209 -26.13 -1.66 14.50
C GLU A 209 -27.16 -0.60 14.14
N ILE A 210 -26.88 0.65 14.51
CA ILE A 210 -27.80 1.74 14.23
C ILE A 210 -27.28 2.66 13.12
N GLY A 211 -26.40 2.14 12.28
CA GLY A 211 -25.83 2.93 11.20
C GLY A 211 -26.23 2.49 9.82
N ASN A 212 -27.47 2.07 9.66
CA ASN A 212 -27.99 1.64 8.37
C ASN A 212 -29.20 2.50 8.03
N LEU A 213 -28.97 3.59 7.31
CA LEU A 213 -30.04 4.50 6.94
C LEU A 213 -30.83 4.03 5.73
N ASP A 214 -31.84 4.81 5.35
CA ASP A 214 -32.66 4.46 4.20
C ASP A 214 -31.96 4.85 2.89
N LYS A 215 -30.98 5.74 2.98
CA LYS A 215 -30.19 6.17 1.83
C LYS A 215 -29.24 5.07 1.39
N HIS A 216 -28.82 4.23 2.32
CA HIS A 216 -27.91 3.13 2.04
C HIS A 216 -28.58 2.00 1.29
N GLU A 217 -29.90 1.90 1.42
CA GLU A 217 -30.66 0.84 0.77
C GLU A 217 -31.13 1.27 -0.61
N GLU A 218 -31.18 2.58 -0.82
CA GLU A 218 -31.59 3.14 -2.09
C GLU A 218 -30.47 3.07 -3.11
N LEU A 219 -29.23 3.16 -2.63
CA LEU A 219 -28.07 3.12 -3.49
C LEU A 219 -27.65 1.70 -3.86
N GLU A 220 -28.07 0.73 -3.05
CA GLU A 220 -27.69 -0.65 -3.31
C GLU A 220 -28.61 -1.35 -4.31
N GLU A 221 -29.85 -0.89 -4.41
CA GLU A 221 -30.78 -1.47 -5.35
C GLU A 221 -30.59 -0.83 -6.72
N LEU A 222 -29.97 0.35 -6.73
CA LEU A 222 -29.70 1.09 -7.96
C LEU A 222 -28.40 0.64 -8.61
N VAL A 223 -27.45 0.21 -7.80
CA VAL A 223 -26.16 -0.25 -8.30
C VAL A 223 -26.27 -1.65 -8.88
N ALA A 224 -27.27 -2.40 -8.44
CA ALA A 224 -27.48 -3.75 -8.91
C ALA A 224 -28.11 -3.73 -10.29
N ARG A 225 -28.94 -2.73 -10.54
CA ARG A 225 -29.61 -2.56 -11.82
C ARG A 225 -28.65 -2.03 -12.87
N PHE A 226 -27.80 -1.10 -12.44
CA PHE A 226 -26.80 -0.51 -13.32
C PHE A 226 -25.87 -1.59 -13.85
N LEU A 227 -25.24 -2.32 -12.93
CA LEU A 227 -24.32 -3.38 -13.28
C LEU A 227 -25.01 -4.50 -14.05
N GLY A 228 -26.24 -4.82 -13.65
CA GLY A 228 -27.01 -5.86 -14.29
C GLY A 228 -26.91 -7.18 -13.56
N VAL A 229 -26.82 -7.13 -12.25
CA VAL A 229 -26.70 -8.33 -11.43
C VAL A 229 -27.92 -8.51 -10.52
N GLU A 230 -27.84 -9.46 -9.60
CA GLU A 230 -28.94 -9.74 -8.68
C GLU A 230 -28.93 -8.85 -7.44
N ALA A 231 -27.76 -8.65 -6.87
CA ALA A 231 -27.63 -7.82 -5.68
C ALA A 231 -26.26 -7.15 -5.60
N ALA A 232 -26.10 -6.22 -4.67
CA ALA A 232 -24.86 -5.50 -4.48
C ALA A 232 -24.78 -4.97 -3.05
N MET A 233 -23.55 -4.67 -2.63
CA MET A 233 -23.28 -4.05 -1.33
C MET A 233 -22.27 -2.93 -1.52
N ALA A 234 -22.38 -1.88 -0.71
CA ALA A 234 -21.49 -0.72 -0.76
C ALA A 234 -20.77 -0.55 0.57
N TYR A 235 -19.52 -0.10 0.51
CA TYR A 235 -18.67 -0.18 1.69
C TYR A 235 -18.22 1.17 2.25
N GLY A 236 -17.55 2.00 1.46
CA GLY A 236 -17.11 3.32 1.94
C GLY A 236 -15.63 3.59 1.78
N MET A 237 -14.81 2.59 1.51
CA MET A 237 -13.43 2.83 1.08
C MET A 237 -13.13 1.84 -0.03
N GLY A 238 -12.51 2.30 -1.10
CA GLY A 238 -12.12 1.40 -2.17
C GLY A 238 -11.00 0.44 -1.80
N PHE A 239 -10.02 0.92 -1.03
CA PHE A 239 -8.93 0.06 -0.59
C PHE A 239 -9.43 -1.02 0.38
N ALA A 240 -10.44 -0.68 1.17
CA ALA A 240 -10.99 -1.61 2.17
C ALA A 240 -12.02 -2.58 1.60
N THR A 241 -12.42 -2.38 0.36
CA THR A 241 -13.40 -3.27 -0.24
C THR A 241 -12.72 -4.59 -0.60
N ASN A 242 -11.44 -4.50 -0.94
CA ASN A 242 -10.66 -5.66 -1.32
C ASN A 242 -9.96 -6.33 -0.14
N SER A 243 -9.37 -5.53 0.73
CA SER A 243 -8.64 -6.05 1.86
C SER A 243 -9.48 -6.56 3.03
N MET A 244 -10.77 -6.28 3.01
CA MET A 244 -11.65 -6.73 4.09
C MET A 244 -12.72 -7.71 3.64
N ASN A 245 -12.71 -8.05 2.37
CA ASN A 245 -13.71 -8.97 1.83
C ASN A 245 -13.11 -10.21 1.16
N ILE A 246 -11.83 -10.15 0.82
CA ILE A 246 -11.19 -11.28 0.18
C ILE A 246 -10.93 -12.38 1.20
N PRO A 247 -10.65 -12.01 2.46
CA PRO A 247 -10.42 -12.98 3.54
C PRO A 247 -11.70 -13.62 4.10
N ALA A 248 -12.87 -13.17 3.65
CA ALA A 248 -14.15 -13.73 4.10
C ALA A 248 -14.66 -14.75 3.08
N LEU A 249 -13.90 -14.95 2.01
CA LEU A 249 -14.29 -15.90 0.97
C LEU A 249 -13.36 -17.10 0.97
N VAL A 250 -12.05 -16.85 0.96
CA VAL A 250 -11.06 -17.92 0.98
C VAL A 250 -10.39 -18.01 2.33
N GLY A 251 -9.76 -19.14 2.60
CA GLY A 251 -9.07 -19.39 3.84
C GLY A 251 -7.92 -20.35 3.67
N LYS A 252 -7.65 -21.15 4.69
CA LYS A 252 -6.58 -22.15 4.64
C LYS A 252 -7.12 -23.34 3.87
N GLY A 253 -6.34 -23.85 2.92
CA GLY A 253 -6.79 -24.94 2.10
C GLY A 253 -7.34 -24.53 0.76
N CYS A 254 -7.28 -23.25 0.41
CA CYS A 254 -7.75 -22.73 -0.86
C CYS A 254 -6.56 -22.19 -1.65
N LEU A 255 -6.77 -22.00 -2.95
CA LEU A 255 -5.73 -21.52 -3.84
C LEU A 255 -6.17 -20.21 -4.49
N ILE A 256 -5.23 -19.27 -4.61
CA ILE A 256 -5.47 -18.00 -5.25
C ILE A 256 -4.51 -17.87 -6.42
N LEU A 257 -5.05 -17.56 -7.60
CA LEU A 257 -4.24 -17.31 -8.79
C LEU A 257 -4.22 -15.80 -9.01
N SER A 258 -3.06 -15.19 -8.86
CA SER A 258 -2.94 -13.76 -9.00
C SER A 258 -2.18 -13.34 -10.26
N ASP A 259 -2.55 -12.20 -10.81
CA ASP A 259 -1.91 -11.68 -12.00
C ASP A 259 -0.60 -11.00 -11.62
N GLU A 260 0.34 -10.96 -12.55
CA GLU A 260 1.64 -10.34 -12.30
C GLU A 260 1.55 -8.93 -11.75
N LEU A 261 0.72 -8.08 -12.35
CA LEU A 261 0.60 -6.70 -11.91
C LEU A 261 -0.76 -6.34 -11.32
N ASN A 262 -1.10 -6.95 -10.19
CA ASN A 262 -2.36 -6.67 -9.53
C ASN A 262 -2.13 -5.55 -8.51
N HIS A 263 -3.19 -4.81 -8.19
CA HIS A 263 -3.12 -3.71 -7.24
C HIS A 263 -2.73 -4.16 -5.83
N ALA A 264 -2.10 -3.26 -5.06
CA ALA A 264 -1.67 -3.55 -3.69
C ALA A 264 -2.77 -3.94 -2.70
N SER A 265 -4.00 -3.48 -2.95
CA SER A 265 -5.13 -3.81 -2.08
C SER A 265 -5.58 -5.22 -2.35
N LEU A 266 -5.43 -5.66 -3.59
CA LEU A 266 -5.80 -7.00 -4.02
C LEU A 266 -4.75 -7.97 -3.50
N VAL A 267 -3.51 -7.50 -3.39
CA VAL A 267 -2.40 -8.32 -2.93
C VAL A 267 -2.36 -8.43 -1.41
N LEU A 268 -2.88 -7.43 -0.72
CA LEU A 268 -2.88 -7.45 0.74
C LEU A 268 -4.05 -8.23 1.29
N GLY A 269 -5.14 -8.27 0.53
CA GLY A 269 -6.31 -9.02 0.94
C GLY A 269 -6.06 -10.50 0.89
N ALA A 270 -5.25 -10.93 -0.07
CA ALA A 270 -4.90 -12.34 -0.22
C ALA A 270 -3.94 -12.79 0.88
N ARG A 271 -3.10 -11.86 1.31
CA ARG A 271 -2.12 -12.12 2.35
C ARG A 271 -2.77 -12.40 3.70
N LEU A 272 -3.91 -11.76 3.96
CA LEU A 272 -4.61 -11.91 5.22
C LEU A 272 -5.54 -13.13 5.27
N SER A 273 -5.94 -13.64 4.11
CA SER A 273 -6.83 -14.79 4.05
C SER A 273 -6.24 -16.04 4.70
N GLY A 274 -5.05 -16.43 4.28
CA GLY A 274 -4.40 -17.61 4.81
C GLY A 274 -4.21 -18.67 3.75
N ALA A 275 -4.61 -18.35 2.52
CA ALA A 275 -4.50 -19.26 1.41
C ALA A 275 -3.13 -19.18 0.73
N THR A 276 -2.88 -20.09 -0.20
CA THR A 276 -1.64 -20.14 -0.95
C THR A 276 -1.78 -19.24 -2.16
N ILE A 277 -0.71 -18.56 -2.55
CA ILE A 277 -0.76 -17.66 -3.70
C ILE A 277 0.29 -17.98 -4.75
N ARG A 278 -0.15 -18.10 -6.00
CA ARG A 278 0.77 -18.35 -7.11
C ARG A 278 0.47 -17.34 -8.21
N ILE A 279 1.51 -16.74 -8.77
CA ILE A 279 1.35 -15.70 -9.77
C ILE A 279 1.62 -16.20 -11.19
N PHE A 280 0.88 -15.66 -12.17
CA PHE A 280 1.07 -16.03 -13.57
C PHE A 280 1.45 -14.83 -14.42
N LYS A 281 2.07 -15.09 -15.56
CA LYS A 281 2.50 -14.04 -16.48
C LYS A 281 1.34 -13.15 -16.91
N HIS A 282 1.57 -11.85 -16.91
CA HIS A 282 0.54 -10.88 -17.29
C HIS A 282 -0.13 -11.18 -18.63
N ASN A 283 -1.47 -11.29 -18.60
CA ASN A 283 -2.27 -11.54 -19.79
C ASN A 283 -1.77 -12.70 -20.65
N ASN A 284 -1.31 -13.76 -20.00
CA ASN A 284 -0.79 -14.94 -20.66
C ASN A 284 -1.77 -16.06 -20.41
N MET A 285 -2.46 -16.49 -21.45
CA MET A 285 -3.46 -17.55 -21.30
C MET A 285 -2.88 -18.95 -21.37
N GLN A 286 -1.58 -19.05 -21.64
CA GLN A 286 -0.91 -20.33 -21.70
C GLN A 286 -0.25 -20.59 -20.36
N SER A 287 0.13 -19.50 -19.69
CA SER A 287 0.77 -19.58 -18.39
C SER A 287 -0.26 -19.76 -17.28
N LEU A 288 -1.46 -19.24 -17.50
CA LEU A 288 -2.51 -19.38 -16.51
C LEU A 288 -3.17 -20.74 -16.61
N GLU A 289 -3.19 -21.30 -17.81
CA GLU A 289 -3.80 -22.61 -18.02
C GLU A 289 -2.90 -23.74 -17.59
N LYS A 290 -1.61 -23.46 -17.44
CA LYS A 290 -0.65 -24.47 -17.01
C LYS A 290 -0.62 -24.49 -15.49
N LEU A 291 -0.88 -23.32 -14.90
CA LEU A 291 -0.89 -23.16 -13.46
C LEU A 291 -2.21 -23.69 -12.91
N LEU A 292 -3.24 -23.66 -13.75
CA LEU A 292 -4.56 -24.11 -13.39
C LEU A 292 -4.66 -25.62 -13.53
N LYS A 293 -3.93 -26.15 -14.50
CA LYS A 293 -3.92 -27.58 -14.77
C LYS A 293 -3.14 -28.37 -13.74
N ASP A 294 -1.88 -27.99 -13.50
CA ASP A 294 -1.05 -28.74 -12.55
C ASP A 294 -1.44 -28.54 -11.08
N ALA A 295 -2.33 -27.61 -10.79
CA ALA A 295 -2.80 -27.44 -9.43
C ALA A 295 -3.90 -28.41 -9.06
N ILE A 296 -4.58 -29.00 -10.04
CA ILE A 296 -5.62 -29.99 -9.78
C ILE A 296 -5.06 -31.41 -9.71
N VAL A 297 -4.03 -31.69 -10.49
CA VAL A 297 -3.45 -33.03 -10.52
C VAL A 297 -2.46 -33.30 -9.41
N TYR A 298 -1.76 -32.28 -8.96
CA TYR A 298 -0.76 -32.46 -7.90
C TYR A 298 -1.31 -32.23 -6.50
N GLY A 299 -2.34 -31.41 -6.36
CA GLY A 299 -2.93 -31.15 -5.07
C GLY A 299 -2.14 -30.20 -4.19
N GLN A 300 -2.45 -30.16 -2.91
CA GLN A 300 -1.77 -29.27 -1.97
C GLN A 300 -0.29 -29.55 -1.77
N PRO A 301 0.46 -28.54 -1.34
CA PRO A 301 1.91 -28.54 -1.09
C PRO A 301 2.53 -29.79 -0.48
N ARG A 302 2.42 -29.97 0.83
CA ARG A 302 3.04 -31.13 1.48
C ARG A 302 2.14 -32.35 1.70
N THR A 303 0.88 -32.12 2.07
CA THR A 303 -0.05 -33.21 2.33
C THR A 303 -0.60 -33.86 1.05
N ARG A 304 -0.44 -33.18 -0.07
CA ARG A 304 -0.87 -33.64 -1.39
C ARG A 304 -2.35 -34.00 -1.54
N ARG A 305 -3.20 -33.30 -0.80
CA ARG A 305 -4.64 -33.53 -0.87
C ARG A 305 -5.25 -32.57 -1.88
N PRO A 306 -6.53 -32.75 -2.21
CA PRO A 306 -7.18 -31.86 -3.17
C PRO A 306 -7.48 -30.49 -2.58
N TRP A 307 -7.51 -29.45 -3.40
CA TRP A 307 -7.79 -28.11 -2.92
C TRP A 307 -9.28 -27.99 -2.61
N LYS A 308 -9.64 -27.09 -1.71
CA LYS A 308 -11.03 -26.91 -1.36
C LYS A 308 -11.74 -26.12 -2.45
N LYS A 309 -11.02 -25.19 -3.05
CA LYS A 309 -11.53 -24.34 -4.13
C LYS A 309 -10.36 -23.59 -4.75
N ILE A 310 -10.64 -22.93 -5.87
CA ILE A 310 -9.65 -22.15 -6.61
C ILE A 310 -10.28 -20.83 -7.01
N LEU A 311 -9.58 -19.73 -6.77
CA LEU A 311 -10.07 -18.39 -7.06
C LEU A 311 -9.05 -17.64 -7.90
N ILE A 312 -9.50 -17.03 -8.99
CA ILE A 312 -8.64 -16.26 -9.89
C ILE A 312 -8.96 -14.79 -9.71
N LEU A 313 -7.95 -14.02 -9.32
CA LEU A 313 -8.06 -12.58 -9.17
C LEU A 313 -7.47 -11.90 -10.39
N VAL A 314 -8.32 -11.22 -11.15
CA VAL A 314 -7.85 -10.43 -12.29
C VAL A 314 -8.39 -9.03 -12.13
N GLU A 315 -8.21 -8.19 -13.16
CA GLU A 315 -8.54 -6.78 -13.06
C GLU A 315 -9.02 -6.32 -14.42
N GLY A 316 -9.72 -5.18 -14.45
CA GLY A 316 -10.14 -4.59 -15.71
C GLY A 316 -8.94 -3.95 -16.37
N ILE A 317 -9.08 -2.70 -16.79
CA ILE A 317 -7.91 -1.90 -17.18
C ILE A 317 -6.88 -1.90 -16.07
N TYR A 318 -5.62 -2.15 -16.40
CA TYR A 318 -4.50 -1.97 -15.49
C TYR A 318 -3.94 -0.56 -15.68
N SER A 319 -3.91 0.23 -14.61
CA SER A 319 -3.69 1.67 -14.73
C SER A 319 -2.27 1.98 -15.22
N MET A 320 -1.27 1.40 -14.57
CA MET A 320 0.12 1.75 -14.87
C MET A 320 0.63 1.10 -16.15
N GLU A 321 -0.08 0.10 -16.68
CA GLU A 321 0.31 -0.56 -17.92
C GLU A 321 -0.58 -0.18 -19.09
N GLY A 322 -1.80 0.26 -18.83
CA GLY A 322 -2.69 0.69 -19.90
C GLY A 322 -3.28 -0.43 -20.71
N SER A 323 -3.34 -1.64 -20.16
CA SER A 323 -3.80 -2.80 -20.91
C SER A 323 -5.12 -3.31 -20.36
N ILE A 324 -5.86 -4.00 -21.22
CA ILE A 324 -7.18 -4.54 -20.93
C ILE A 324 -7.05 -6.05 -20.81
N VAL A 325 -7.72 -6.63 -19.82
CA VAL A 325 -7.69 -8.07 -19.58
C VAL A 325 -8.45 -8.79 -20.70
N ARG A 326 -8.03 -10.01 -20.99
CA ARG A 326 -8.71 -10.85 -21.98
C ARG A 326 -9.76 -11.67 -21.27
N LEU A 327 -10.98 -11.15 -21.20
CA LEU A 327 -12.05 -11.88 -20.54
C LEU A 327 -12.57 -13.06 -21.34
N PRO A 328 -12.73 -12.99 -22.66
CA PRO A 328 -13.26 -14.16 -23.37
C PRO A 328 -12.42 -15.40 -23.19
N GLU A 329 -11.13 -15.25 -22.89
CA GLU A 329 -10.26 -16.39 -22.69
C GLU A 329 -10.13 -16.77 -21.22
N VAL A 330 -10.33 -15.84 -20.28
CA VAL A 330 -10.41 -16.20 -18.88
C VAL A 330 -11.69 -16.94 -18.56
N ILE A 331 -12.81 -16.43 -19.08
CA ILE A 331 -14.13 -17.00 -18.83
C ILE A 331 -14.33 -18.39 -19.41
N ALA A 332 -13.60 -18.72 -20.46
CA ALA A 332 -13.72 -20.03 -21.07
C ALA A 332 -12.67 -20.98 -20.52
N LEU A 333 -11.86 -20.49 -19.59
CA LEU A 333 -10.81 -21.28 -18.97
C LEU A 333 -11.22 -21.63 -17.56
N LYS A 334 -12.08 -20.80 -16.98
CA LYS A 334 -12.56 -21.03 -15.62
C LYS A 334 -13.82 -21.90 -15.65
N LYS A 335 -14.36 -22.13 -16.84
CA LYS A 335 -15.53 -22.96 -17.00
C LYS A 335 -15.09 -24.40 -17.25
N LYS A 336 -13.89 -24.54 -17.79
CA LYS A 336 -13.33 -25.85 -18.08
C LYS A 336 -12.60 -26.47 -16.91
N TYR A 337 -12.25 -25.66 -15.92
CA TYR A 337 -11.54 -26.14 -14.73
C TYR A 337 -12.31 -25.82 -13.45
N LYS A 338 -13.54 -25.39 -13.62
CA LYS A 338 -14.43 -25.08 -12.49
C LYS A 338 -13.84 -24.15 -11.42
N ALA A 339 -13.12 -23.12 -11.83
CA ALA A 339 -12.55 -22.16 -10.90
C ALA A 339 -13.52 -21.00 -10.71
N TYR A 340 -13.20 -20.09 -9.81
CA TYR A 340 -14.06 -18.93 -9.56
C TYR A 340 -13.35 -17.68 -10.04
N LEU A 341 -14.12 -16.66 -10.41
CA LEU A 341 -13.54 -15.42 -10.92
C LEU A 341 -13.92 -14.18 -10.13
N TYR A 342 -12.90 -13.42 -9.73
CA TYR A 342 -13.04 -12.18 -8.98
C TYR A 342 -12.52 -11.08 -9.89
N LEU A 343 -13.41 -10.20 -10.35
CA LEU A 343 -13.02 -9.14 -11.27
C LEU A 343 -13.02 -7.81 -10.54
N ASP A 344 -11.96 -7.03 -10.73
CA ASP A 344 -11.82 -5.73 -10.10
C ASP A 344 -11.84 -4.65 -11.17
N GLU A 345 -13.02 -4.16 -11.49
CA GLU A 345 -13.16 -3.14 -12.52
C GLU A 345 -13.23 -1.73 -11.96
N ALA A 346 -12.20 -1.35 -11.22
CA ALA A 346 -12.11 -0.02 -10.64
C ALA A 346 -11.79 1.06 -11.64
N HIS A 347 -10.99 0.77 -12.67
CA HIS A 347 -10.61 1.74 -13.68
C HIS A 347 -11.42 1.63 -14.96
N SER A 348 -12.21 0.57 -15.13
CA SER A 348 -12.93 0.36 -16.37
C SER A 348 -14.41 0.67 -16.26
N ILE A 349 -14.96 0.74 -15.06
CA ILE A 349 -16.37 1.07 -14.91
C ILE A 349 -16.55 2.51 -15.33
N GLY A 350 -17.54 2.76 -16.19
CA GLY A 350 -17.80 4.08 -16.72
C GLY A 350 -16.89 4.49 -17.86
N ALA A 351 -15.64 4.02 -17.87
CA ALA A 351 -14.68 4.40 -18.89
C ALA A 351 -14.77 3.55 -20.16
N LEU A 352 -15.07 2.27 -20.02
CA LEU A 352 -15.14 1.36 -21.15
C LEU A 352 -16.60 1.04 -21.49
N GLY A 353 -16.78 0.45 -22.67
CA GLY A 353 -18.10 0.06 -23.12
C GLY A 353 -18.82 1.16 -23.84
N PRO A 354 -19.83 0.81 -24.64
CA PRO A 354 -20.60 1.82 -25.37
C PRO A 354 -21.68 2.52 -24.56
N THR A 355 -21.85 2.18 -23.29
CA THR A 355 -22.78 2.91 -22.42
C THR A 355 -22.14 3.19 -21.06
N GLY A 356 -21.02 2.52 -20.77
CA GLY A 356 -20.30 2.80 -19.54
C GLY A 356 -20.50 1.75 -18.46
N ARG A 357 -20.71 0.50 -18.85
CA ARG A 357 -20.96 -0.57 -17.91
C ARG A 357 -19.72 -1.39 -17.59
N GLY A 358 -18.56 -0.97 -18.05
CA GLY A 358 -17.32 -1.62 -17.70
C GLY A 358 -16.76 -2.49 -18.80
N VAL A 359 -15.91 -3.42 -18.41
CA VAL A 359 -15.25 -4.28 -19.38
C VAL A 359 -16.09 -5.49 -19.79
N VAL A 360 -17.12 -5.83 -19.01
CA VAL A 360 -18.01 -6.91 -19.41
C VAL A 360 -18.78 -6.54 -20.66
N GLU A 361 -19.31 -5.32 -20.70
CA GLU A 361 -20.04 -4.83 -21.86
C GLU A 361 -19.12 -4.53 -23.04
N TYR A 362 -17.84 -4.23 -22.79
CA TYR A 362 -16.91 -3.92 -23.85
C TYR A 362 -16.63 -5.13 -24.73
N PHE A 363 -16.66 -6.33 -24.17
CA PHE A 363 -16.41 -7.55 -24.93
C PHE A 363 -17.68 -8.20 -25.46
N GLY A 364 -18.84 -7.82 -24.95
CA GLY A 364 -20.09 -8.42 -25.35
C GLY A 364 -20.58 -9.56 -24.47
N LEU A 365 -19.93 -9.79 -23.34
CA LEU A 365 -20.27 -10.91 -22.47
C LEU A 365 -21.42 -10.68 -21.51
N ASP A 366 -21.82 -11.74 -20.84
CA ASP A 366 -22.89 -11.73 -19.86
C ASP A 366 -22.28 -11.52 -18.48
N PRO A 367 -22.95 -10.74 -17.62
CA PRO A 367 -22.46 -10.46 -16.27
C PRO A 367 -22.75 -11.55 -15.22
N GLU A 368 -23.27 -12.69 -15.64
CA GLU A 368 -23.54 -13.80 -14.73
C GLU A 368 -22.42 -14.84 -14.83
N ASP A 369 -21.39 -14.54 -15.60
CA ASP A 369 -20.25 -15.43 -15.76
C ASP A 369 -19.14 -15.06 -14.78
N VAL A 370 -19.32 -13.95 -14.09
CA VAL A 370 -18.35 -13.49 -13.10
C VAL A 370 -18.94 -13.70 -11.71
N ASP A 371 -18.23 -14.47 -10.89
CA ASP A 371 -18.69 -14.76 -9.55
C ASP A 371 -18.75 -13.54 -8.65
N VAL A 372 -17.69 -12.74 -8.63
CA VAL A 372 -17.66 -11.53 -7.83
C VAL A 372 -17.29 -10.32 -8.70
N MET A 373 -17.94 -9.19 -8.47
CA MET A 373 -17.69 -7.97 -9.23
C MET A 373 -17.38 -6.80 -8.31
N MET A 374 -16.11 -6.41 -8.24
CA MET A 374 -15.67 -5.31 -7.39
C MET A 374 -15.44 -4.05 -8.22
N GLY A 375 -15.50 -2.87 -7.60
CA GLY A 375 -15.28 -1.62 -8.27
C GLY A 375 -15.25 -0.48 -7.27
N THR A 376 -14.98 0.73 -7.74
CA THR A 376 -14.93 1.90 -6.86
C THR A 376 -15.78 3.03 -7.42
N PHE A 377 -15.96 4.09 -6.64
CA PHE A 377 -16.75 5.22 -7.08
C PHE A 377 -15.91 6.49 -7.19
N THR A 378 -14.60 6.36 -7.04
CA THR A 378 -13.73 7.52 -7.07
C THR A 378 -13.12 7.86 -8.42
N LYS A 379 -13.06 6.91 -9.34
CA LYS A 379 -12.41 7.19 -10.61
C LYS A 379 -13.34 7.86 -11.61
N SER A 380 -14.55 7.36 -11.78
CA SER A 380 -15.44 7.89 -12.80
C SER A 380 -16.59 8.72 -12.24
N PHE A 381 -17.03 8.47 -11.02
CA PHE A 381 -18.22 9.11 -10.48
C PHE A 381 -17.93 10.34 -9.66
N GLY A 382 -16.67 10.69 -9.44
CA GLY A 382 -16.34 11.88 -8.67
C GLY A 382 -16.78 11.81 -7.22
N ALA A 383 -16.68 10.63 -6.61
CA ALA A 383 -17.13 10.40 -5.24
C ALA A 383 -16.15 9.48 -4.55
N SER A 384 -16.55 8.84 -3.46
CA SER A 384 -15.68 7.89 -2.79
C SER A 384 -16.48 6.66 -2.40
N GLY A 385 -15.77 5.55 -2.19
CA GLY A 385 -16.38 4.32 -1.76
C GLY A 385 -16.10 3.18 -2.74
N GLY A 386 -16.65 2.02 -2.40
CA GLY A 386 -16.53 0.84 -3.23
C GLY A 386 -17.82 0.05 -3.23
N TYR A 387 -17.82 -1.05 -3.98
CA TYR A 387 -18.98 -1.92 -4.01
C TYR A 387 -18.55 -3.33 -4.40
N ILE A 388 -19.42 -4.29 -4.10
CA ILE A 388 -19.29 -5.66 -4.57
C ILE A 388 -20.64 -6.13 -5.06
N GLY A 389 -20.67 -6.73 -6.25
CA GLY A 389 -21.91 -7.22 -6.83
C GLY A 389 -21.86 -8.67 -7.21
N GLY A 390 -23.03 -9.31 -7.19
CA GLY A 390 -23.14 -10.72 -7.51
C GLY A 390 -24.50 -11.31 -7.22
N LYS A 391 -24.52 -12.61 -6.98
CA LYS A 391 -25.76 -13.33 -6.69
C LYS A 391 -26.36 -12.87 -5.39
N LYS A 392 -27.62 -13.21 -5.17
CA LYS A 392 -28.32 -12.82 -3.96
C LYS A 392 -27.90 -13.70 -2.80
N GLU A 393 -27.15 -14.75 -3.10
CA GLU A 393 -26.69 -15.68 -2.08
C GLU A 393 -25.32 -15.27 -1.56
N LEU A 394 -24.56 -14.56 -2.38
CA LEU A 394 -23.23 -14.12 -1.99
C LEU A 394 -23.29 -12.78 -1.27
N ILE A 395 -24.33 -12.00 -1.54
CA ILE A 395 -24.49 -10.70 -0.88
C ILE A 395 -25.22 -10.83 0.44
N ASP A 396 -25.75 -12.01 0.71
CA ASP A 396 -26.44 -12.28 1.97
C ASP A 396 -25.45 -12.82 2.97
N TYR A 397 -24.38 -13.42 2.46
CA TYR A 397 -23.33 -13.98 3.29
C TYR A 397 -22.33 -12.89 3.65
N LEU A 398 -22.17 -11.92 2.76
CA LEU A 398 -21.25 -10.81 2.97
C LEU A 398 -21.88 -9.69 3.79
N ARG A 399 -23.17 -9.79 4.06
CA ARG A 399 -23.86 -8.79 4.86
C ARG A 399 -23.76 -9.13 6.33
N THR A 400 -23.29 -10.33 6.63
CA THR A 400 -23.15 -10.78 8.01
C THR A 400 -21.75 -11.24 8.37
N HIS A 401 -20.96 -11.62 7.37
CA HIS A 401 -19.61 -12.12 7.63
C HIS A 401 -18.45 -11.30 7.10
N SER A 402 -18.71 -10.06 6.68
CA SER A 402 -17.64 -9.21 6.19
C SER A 402 -17.14 -8.33 7.32
N HIS A 403 -15.83 -8.08 7.36
CA HIS A 403 -15.24 -7.26 8.41
C HIS A 403 -15.74 -5.82 8.44
N SER A 404 -16.03 -5.27 7.28
CA SER A 404 -16.48 -3.89 7.19
C SER A 404 -17.92 -3.68 7.64
N ALA A 405 -18.73 -4.73 7.52
CA ALA A 405 -20.13 -4.65 7.90
C ALA A 405 -20.39 -4.66 9.40
N VAL A 406 -19.41 -5.04 10.19
CA VAL A 406 -19.62 -5.11 11.63
C VAL A 406 -18.64 -4.28 12.47
N TYR A 407 -17.56 -3.81 11.85
CA TYR A 407 -16.57 -3.08 12.63
C TYR A 407 -16.25 -1.68 12.12
N ALA A 408 -16.62 -1.34 10.88
CA ALA A 408 -16.29 -0.04 10.33
C ALA A 408 -17.57 0.76 10.06
N THR A 409 -17.43 2.09 10.13
CA THR A 409 -18.58 2.96 9.91
C THR A 409 -18.96 3.00 8.44
N SER A 410 -20.22 3.35 8.19
CA SER A 410 -20.81 3.30 6.87
C SER A 410 -20.53 4.58 6.07
N LEU A 411 -21.08 4.64 4.86
CA LEU A 411 -20.84 5.76 3.97
C LEU A 411 -21.53 7.03 4.46
N SER A 412 -21.03 8.16 3.97
CA SER A 412 -21.59 9.46 4.31
C SER A 412 -22.76 9.78 3.40
N PRO A 413 -23.84 10.34 3.93
CA PRO A 413 -25.01 10.66 3.10
C PRO A 413 -24.70 11.63 1.98
N PRO A 414 -23.92 12.70 2.22
CA PRO A 414 -23.60 13.60 1.09
C PRO A 414 -22.84 12.92 -0.04
N VAL A 415 -21.97 11.95 0.24
CA VAL A 415 -21.26 11.30 -0.84
C VAL A 415 -22.09 10.19 -1.46
N VAL A 416 -23.04 9.60 -0.72
CA VAL A 416 -23.98 8.67 -1.30
C VAL A 416 -24.93 9.35 -2.27
N GLU A 417 -25.43 10.54 -1.94
CA GLU A 417 -26.30 11.28 -2.84
C GLU A 417 -25.62 11.69 -4.13
N GLN A 418 -24.29 11.84 -4.15
CA GLN A 418 -23.59 12.19 -5.38
C GLN A 418 -23.51 11.01 -6.34
N ILE A 419 -23.27 9.81 -5.81
CA ILE A 419 -23.24 8.61 -6.65
C ILE A 419 -24.61 8.35 -7.27
N ILE A 420 -25.67 8.54 -6.49
CA ILE A 420 -27.01 8.29 -7.00
C ILE A 420 -27.32 9.20 -8.18
N THR A 421 -26.96 10.47 -8.06
CA THR A 421 -27.28 11.43 -9.11
C THR A 421 -26.38 11.29 -10.32
N SER A 422 -25.10 10.99 -10.14
CA SER A 422 -24.22 10.80 -11.28
C SER A 422 -24.46 9.49 -12.00
N MET A 423 -24.86 8.46 -11.28
CA MET A 423 -25.14 7.15 -11.86
C MET A 423 -26.45 7.17 -12.62
N LYS A 424 -27.39 7.98 -12.14
CA LYS A 424 -28.69 8.12 -12.78
C LYS A 424 -28.63 8.97 -14.04
N CYS A 425 -27.50 9.62 -14.31
CA CYS A 425 -27.31 10.38 -15.54
C CYS A 425 -26.70 9.55 -16.66
N ILE A 426 -25.82 8.61 -16.33
CA ILE A 426 -25.29 7.70 -17.35
C ILE A 426 -26.38 6.81 -17.94
N MET A 427 -27.28 6.27 -17.13
CA MET A 427 -28.38 5.47 -17.64
C MET A 427 -29.42 6.29 -18.36
N GLY A 428 -29.35 7.62 -18.29
CA GLY A 428 -30.28 8.44 -19.03
C GLY A 428 -31.66 8.56 -18.41
N GLN A 429 -31.80 8.32 -17.11
CA GLN A 429 -33.08 8.51 -16.44
C GLN A 429 -33.39 9.99 -16.24
N ASP A 430 -32.35 10.82 -16.10
CA ASP A 430 -32.56 12.24 -15.81
C ASP A 430 -33.36 12.93 -16.92
N GLY A 431 -33.37 12.35 -18.11
CA GLY A 431 -34.06 12.93 -19.25
C GLY A 431 -33.18 13.78 -20.13
N THR A 432 -31.94 14.05 -19.73
CA THR A 432 -31.01 14.85 -20.50
C THR A 432 -30.04 13.95 -21.26
N SER A 433 -29.30 14.56 -22.19
CA SER A 433 -28.32 13.84 -22.99
C SER A 433 -26.89 14.05 -22.50
N LEU A 434 -26.72 14.66 -21.34
CA LEU A 434 -25.38 14.92 -20.82
C LEU A 434 -24.57 13.64 -20.60
N GLY A 435 -25.26 12.52 -20.40
CA GLY A 435 -24.61 11.26 -20.15
C GLY A 435 -24.24 10.47 -21.37
N LYS A 436 -24.87 10.78 -22.50
CA LYS A 436 -24.60 10.10 -23.75
C LYS A 436 -23.46 10.78 -24.49
N GLU A 437 -23.20 12.04 -24.14
CA GLU A 437 -22.15 12.81 -24.77
C GLU A 437 -20.80 12.49 -24.16
N CYS A 438 -20.69 12.66 -22.86
CA CYS A 438 -19.46 12.42 -22.14
C CYS A 438 -18.85 11.03 -22.36
N VAL A 439 -19.70 10.00 -22.38
CA VAL A 439 -19.23 8.64 -22.58
C VAL A 439 -18.63 8.44 -23.97
N GLN A 440 -19.20 9.12 -24.96
CA GLN A 440 -18.72 9.01 -26.33
C GLN A 440 -17.66 10.04 -26.65
N GLN A 441 -17.48 11.00 -25.75
CA GLN A 441 -16.47 12.04 -25.94
C GLN A 441 -15.16 11.64 -25.31
N LEU A 442 -15.15 10.49 -24.63
CA LEU A 442 -13.94 9.99 -24.00
C LEU A 442 -13.26 9.02 -24.94
N ALA A 443 -14.04 8.43 -25.84
CA ALA A 443 -13.51 7.48 -26.81
C ALA A 443 -12.82 8.22 -27.95
N GLU A 444 -13.35 9.38 -28.28
CA GLU A 444 -12.79 10.21 -29.33
C GLU A 444 -11.46 10.78 -28.87
N ASN A 445 -11.45 11.31 -27.66
CA ASN A 445 -10.24 11.89 -27.08
C ASN A 445 -9.13 10.88 -26.95
N THR A 446 -9.49 9.62 -26.72
CA THR A 446 -8.51 8.57 -26.55
C THR A 446 -7.88 8.11 -27.84
N ARG A 447 -8.63 8.12 -28.93
CA ARG A 447 -8.11 7.66 -30.21
C ARG A 447 -7.27 8.73 -30.89
N TYR A 448 -7.60 9.99 -30.66
CA TYR A 448 -6.88 11.10 -31.26
C TYR A 448 -5.57 11.39 -30.55
N PHE A 449 -5.56 11.21 -29.24
CA PHE A 449 -4.37 11.47 -28.44
C PHE A 449 -3.36 10.33 -28.54
N ARG A 450 -3.84 9.10 -28.55
CA ARG A 450 -2.95 7.95 -28.63
C ARG A 450 -2.32 7.74 -30.00
N ARG A 451 -3.00 8.22 -31.03
CA ARG A 451 -2.50 8.07 -32.40
C ARG A 451 -1.61 9.20 -32.84
N ARG A 452 -1.69 10.34 -32.17
CA ARG A 452 -0.86 11.48 -32.52
C ARG A 452 0.46 11.42 -31.81
N LEU A 453 0.52 10.66 -30.74
CA LEU A 453 1.74 10.51 -29.96
C LEU A 453 2.61 9.43 -30.56
N LYS A 454 1.98 8.41 -31.14
CA LYS A 454 2.69 7.30 -31.74
C LYS A 454 3.37 7.67 -33.05
N GLU A 455 2.84 8.70 -33.72
CA GLU A 455 3.44 9.13 -34.97
C GLU A 455 4.44 10.26 -34.78
N MET A 456 4.74 10.57 -33.52
CA MET A 456 5.72 11.58 -33.17
C MET A 456 7.03 10.85 -32.94
N GLY A 457 6.94 9.60 -32.49
CA GLY A 457 8.11 8.79 -32.28
C GLY A 457 8.31 8.30 -30.87
N PHE A 458 7.28 8.40 -30.03
CA PHE A 458 7.39 7.98 -28.64
C PHE A 458 7.12 6.48 -28.52
N ILE A 459 7.36 5.94 -27.34
CA ILE A 459 7.09 4.53 -27.07
C ILE A 459 5.94 4.50 -26.07
N ILE A 460 4.74 4.21 -26.54
CA ILE A 460 3.55 4.15 -25.70
C ILE A 460 3.14 2.70 -25.44
N TYR A 461 2.64 2.43 -24.24
CA TYR A 461 2.24 1.08 -23.85
C TYR A 461 0.72 0.85 -23.88
N GLY A 462 0.31 -0.41 -23.80
CA GLY A 462 -1.09 -0.78 -23.73
C GLY A 462 -1.96 -0.93 -24.97
N ASN A 463 -3.26 -1.01 -24.71
CA ASN A 463 -4.29 -1.15 -25.73
C ASN A 463 -4.56 0.19 -26.37
N GLU A 464 -5.21 0.19 -27.53
CA GLU A 464 -5.53 1.43 -28.22
C GLU A 464 -6.82 2.06 -27.73
N ASP A 465 -7.55 1.35 -26.86
CA ASP A 465 -8.80 1.86 -26.33
C ASP A 465 -8.68 2.17 -24.85
N SER A 466 -7.45 2.23 -24.35
CA SER A 466 -7.24 2.50 -22.94
C SER A 466 -7.16 4.01 -22.70
N PRO A 467 -7.93 4.56 -21.76
CA PRO A 467 -7.83 6.00 -21.47
C PRO A 467 -6.63 6.39 -20.63
N VAL A 468 -5.80 5.45 -20.18
CA VAL A 468 -4.54 5.75 -19.52
C VAL A 468 -3.42 5.48 -20.51
N VAL A 469 -2.53 6.45 -20.67
CA VAL A 469 -1.43 6.35 -21.60
C VAL A 469 -0.08 6.51 -20.93
N PRO A 470 0.70 5.43 -20.85
CA PRO A 470 2.02 5.49 -20.23
C PRO A 470 3.15 5.79 -21.21
N LEU A 471 3.75 6.97 -21.11
CA LEU A 471 4.87 7.34 -21.97
C LEU A 471 6.12 6.78 -21.33
N MET A 472 7.06 6.29 -22.14
CA MET A 472 8.26 5.69 -21.58
C MET A 472 9.52 6.54 -21.58
N LEU A 473 10.07 6.72 -20.38
CA LEU A 473 11.32 7.41 -20.16
C LEU A 473 12.13 6.35 -19.42
N TYR A 474 13.39 6.16 -19.80
CA TYR A 474 14.15 5.09 -19.15
C TYR A 474 15.18 5.53 -18.11
N MET A 475 15.96 6.55 -18.43
CA MET A 475 16.99 7.03 -17.52
C MET A 475 16.38 7.62 -16.25
N PRO A 476 17.05 7.40 -15.10
CA PRO A 476 16.60 7.89 -13.80
C PRO A 476 16.61 9.41 -13.67
N ALA A 477 17.46 10.08 -14.43
CA ALA A 477 17.55 11.54 -14.37
C ALA A 477 16.45 12.20 -15.18
N LYS A 478 15.82 11.45 -16.07
CA LYS A 478 14.75 11.98 -16.90
C LYS A 478 13.43 12.05 -16.14
N ILE A 479 13.30 11.26 -15.07
CA ILE A 479 12.12 11.32 -14.22
C ILE A 479 11.97 12.67 -13.56
N GLY A 480 13.06 13.24 -13.05
CA GLY A 480 13.00 14.53 -12.38
C GLY A 480 13.05 15.71 -13.31
N ALA A 481 13.39 15.49 -14.58
CA ALA A 481 13.42 16.56 -15.56
C ALA A 481 12.13 16.68 -16.36
N PHE A 482 11.51 15.57 -16.72
CA PHE A 482 10.22 15.58 -17.38
C PHE A 482 9.12 16.08 -16.47
N GLY A 483 9.25 15.92 -15.15
CA GLY A 483 8.28 16.44 -14.23
C GLY A 483 8.37 17.95 -14.08
N ARG A 484 9.58 18.49 -14.05
CA ARG A 484 9.75 19.92 -13.93
C ARG A 484 9.48 20.65 -15.24
N GLU A 485 9.86 20.04 -16.36
CA GLU A 485 9.65 20.61 -17.68
C GLU A 485 8.17 20.84 -17.95
N MET A 486 7.35 19.81 -17.74
CA MET A 486 5.90 19.95 -17.90
C MET A 486 5.34 21.10 -17.08
N LEU A 487 5.63 21.13 -15.79
CA LEU A 487 5.05 22.18 -14.95
C LEU A 487 5.57 23.55 -15.33
N LYS A 488 6.77 23.64 -15.90
CA LYS A 488 7.24 24.89 -16.46
C LYS A 488 6.52 25.27 -17.75
N ARG A 489 6.02 24.29 -18.50
CA ARG A 489 5.26 24.58 -19.70
C ARG A 489 3.78 24.74 -19.35
N ASN A 490 3.44 24.49 -18.09
CA ASN A 490 2.06 24.64 -17.61
C ASN A 490 1.23 23.38 -17.86
N ILE A 491 1.79 22.22 -17.52
CA ILE A 491 1.10 20.93 -17.62
C ILE A 491 1.48 20.08 -16.42
N GLY A 492 0.53 19.34 -15.87
CA GLY A 492 0.79 18.47 -14.71
C GLY A 492 0.65 17.01 -15.07
N VAL A 493 1.67 16.22 -14.73
CA VAL A 493 1.69 14.79 -15.03
C VAL A 493 2.12 13.99 -13.80
N VAL A 494 2.26 12.68 -13.97
CA VAL A 494 2.70 11.77 -12.93
C VAL A 494 3.86 10.94 -13.47
N VAL A 495 4.93 10.81 -12.70
CA VAL A 495 6.10 10.03 -13.08
C VAL A 495 6.33 8.94 -12.05
N VAL A 496 6.86 7.80 -12.50
CA VAL A 496 7.06 6.62 -11.65
C VAL A 496 8.48 6.10 -11.85
N GLY A 497 9.16 5.82 -10.74
CA GLY A 497 10.55 5.39 -10.74
C GLY A 497 10.92 3.92 -10.63
N PHE A 498 12.14 3.64 -10.17
CA PHE A 498 12.66 2.27 -10.09
C PHE A 498 12.02 1.32 -9.10
N PRO A 499 11.94 1.66 -7.81
CA PRO A 499 11.32 0.66 -6.92
C PRO A 499 9.87 0.34 -7.27
N ALA A 500 9.10 1.35 -7.68
CA ALA A 500 7.72 1.18 -8.08
C ALA A 500 7.54 0.21 -9.25
N THR A 501 8.46 0.22 -10.20
CA THR A 501 8.38 -0.65 -11.37
C THR A 501 9.59 -1.58 -11.47
N PRO A 502 10.04 -1.86 -12.70
CA PRO A 502 11.26 -2.63 -12.92
C PRO A 502 12.41 -1.63 -13.16
N ILE A 503 13.65 -2.10 -13.15
CA ILE A 503 14.78 -1.17 -13.29
C ILE A 503 14.95 -0.42 -14.62
N ILE A 504 14.41 -0.95 -15.71
CA ILE A 504 14.53 -0.31 -17.01
C ILE A 504 13.17 0.10 -17.55
N GLU A 505 12.23 0.43 -16.66
CA GLU A 505 10.86 0.68 -17.07
C GLU A 505 10.27 1.88 -16.34
N SER A 506 11.04 2.94 -16.18
CA SER A 506 10.50 4.18 -15.64
C SER A 506 9.63 4.86 -16.68
N ARG A 507 8.56 5.52 -16.24
CA ARG A 507 7.54 5.99 -17.17
C ARG A 507 6.83 7.21 -16.57
N ALA A 508 5.95 7.78 -17.40
CA ALA A 508 5.02 8.81 -17.00
C ALA A 508 3.63 8.38 -17.44
N ARG A 509 2.62 8.81 -16.70
CA ARG A 509 1.24 8.42 -16.97
C ARG A 509 0.39 9.64 -17.33
N PHE A 510 -0.59 9.40 -18.21
CA PHE A 510 -1.33 10.47 -18.86
C PHE A 510 -2.84 10.25 -18.84
N CYS A 511 -3.45 10.06 -17.67
CA CYS A 511 -4.90 9.89 -17.56
C CYS A 511 -5.65 10.92 -18.40
N LEU A 512 -6.57 10.44 -19.23
CA LEU A 512 -7.39 11.30 -20.08
C LEU A 512 -8.79 11.43 -19.51
N SER A 513 -9.48 12.51 -19.92
CA SER A 513 -10.80 12.85 -19.40
C SER A 513 -11.71 13.27 -20.53
N ALA A 514 -13.01 13.20 -20.29
CA ALA A 514 -13.99 13.68 -21.25
C ALA A 514 -14.27 15.17 -21.13
N ALA A 515 -13.64 15.84 -20.16
CA ALA A 515 -13.71 17.28 -20.04
C ALA A 515 -12.60 17.99 -20.81
N HIS A 516 -11.64 17.26 -21.35
CA HIS A 516 -10.61 17.85 -22.19
C HIS A 516 -11.18 18.15 -23.57
N THR A 517 -11.01 19.37 -24.03
CA THR A 517 -11.57 19.80 -25.30
C THR A 517 -10.52 19.53 -26.38
N LYS A 518 -10.82 19.91 -27.62
CA LYS A 518 -9.87 19.72 -28.71
C LYS A 518 -8.77 20.76 -28.61
N GLU A 519 -9.13 21.93 -28.06
CA GLU A 519 -8.18 23.02 -27.90
C GLU A 519 -7.16 22.69 -26.83
N ILE A 520 -7.60 22.08 -25.75
CA ILE A 520 -6.70 21.73 -24.66
C ILE A 520 -5.82 20.55 -25.04
N LEU A 521 -6.32 19.69 -25.91
CA LEU A 521 -5.57 18.52 -26.35
C LEU A 521 -4.53 18.89 -27.40
N ASP A 522 -4.73 20.01 -28.09
CA ASP A 522 -3.79 20.46 -29.10
C ASP A 522 -2.65 21.19 -28.43
N THR A 523 -2.97 21.95 -27.39
CA THR A 523 -1.99 22.70 -26.64
C THR A 523 -1.09 21.75 -25.86
N ALA A 524 -1.65 20.65 -25.39
CA ALA A 524 -0.89 19.67 -24.63
C ALA A 524 0.08 18.92 -25.52
N LEU A 525 -0.34 18.60 -26.74
CA LEU A 525 0.50 17.87 -27.69
C LEU A 525 1.66 18.72 -28.22
N LYS A 526 1.48 20.03 -28.23
CA LYS A 526 2.52 20.93 -28.70
C LYS A 526 3.64 21.00 -27.68
N GLU A 527 3.28 21.15 -26.41
CA GLU A 527 4.25 21.23 -25.32
C GLU A 527 4.95 19.91 -25.08
N ILE A 528 4.28 18.81 -25.37
CA ILE A 528 4.87 17.49 -25.18
C ILE A 528 5.84 17.16 -26.29
N ASP A 529 5.67 17.80 -27.44
CA ASP A 529 6.53 17.59 -28.58
C ASP A 529 7.85 18.33 -28.43
N GLU A 530 7.80 19.49 -27.79
CA GLU A 530 8.98 20.31 -27.57
C GLU A 530 9.86 19.75 -26.46
N VAL A 531 9.22 19.17 -25.45
CA VAL A 531 9.94 18.59 -24.32
C VAL A 531 10.53 17.24 -24.68
N GLY A 532 10.00 16.60 -25.71
CA GLY A 532 10.50 15.31 -26.14
C GLY A 532 11.71 15.48 -27.03
N ASP A 533 11.84 16.68 -27.59
CA ASP A 533 12.96 17.01 -28.46
C ASP A 533 14.11 17.52 -27.62
N LEU A 534 13.76 18.20 -26.54
CA LEU A 534 14.73 18.76 -25.61
C LEU A 534 15.40 17.69 -24.75
N LEU A 535 14.63 16.69 -24.33
CA LEU A 535 15.21 15.63 -23.52
C LEU A 535 15.48 14.35 -24.28
N GLN A 536 15.22 14.33 -25.59
CA GLN A 536 15.49 13.19 -26.47
C GLN A 536 14.74 11.94 -25.98
N LEU A 537 13.42 12.03 -26.03
CA LEU A 537 12.53 10.99 -25.54
C LEU A 537 11.91 10.15 -26.64
N LYS A 538 12.29 10.37 -27.89
CA LYS A 538 11.68 9.64 -29.01
C LYS A 538 12.52 8.40 -29.30
N TYR A 539 12.24 7.34 -28.56
CA TYR A 539 13.03 6.12 -28.59
C TYR A 539 12.56 5.12 -29.62
N SER A 540 11.42 5.35 -30.26
CA SER A 540 10.79 4.31 -31.07
C SER A 540 11.63 3.99 -32.30
N ARG A 541 11.80 2.69 -32.55
CA ARG A 541 12.55 2.21 -33.70
C ARG A 541 11.68 1.73 -34.84
N HIS A 542 10.42 1.36 -34.58
CA HIS A 542 9.53 0.81 -35.59
C HIS A 542 8.46 1.80 -36.05
N ARG A 543 8.63 3.07 -35.69
CA ARG A 543 7.67 4.10 -36.08
C ARG A 543 7.00 3.78 -37.41
N TRP B 8 57.47 -5.86 -30.25
CA TRP B 8 56.60 -7.03 -30.16
C TRP B 8 56.94 -7.88 -28.95
N VAL B 9 55.92 -8.28 -28.20
CA VAL B 9 56.09 -9.10 -27.01
C VAL B 9 54.91 -10.05 -26.83
N LEU B 10 54.79 -11.02 -27.72
CA LEU B 10 53.70 -11.97 -27.67
C LEU B 10 54.19 -13.41 -27.68
N VAL B 11 55.32 -13.64 -28.33
CA VAL B 11 55.88 -14.99 -28.41
C VAL B 11 56.27 -15.53 -27.04
N GLU B 12 56.79 -14.64 -26.19
CA GLU B 12 57.19 -14.99 -24.83
C GLU B 12 56.05 -15.69 -24.11
N MET B 13 54.88 -15.07 -24.10
CA MET B 13 53.70 -15.61 -23.43
C MET B 13 53.41 -17.06 -23.82
N VAL B 14 53.41 -17.34 -25.11
CA VAL B 14 53.14 -18.70 -25.59
C VAL B 14 54.31 -19.62 -25.28
N GLN B 15 55.51 -19.06 -25.26
CA GLN B 15 56.72 -19.82 -24.97
C GLN B 15 56.85 -20.05 -23.47
N ALA B 16 56.22 -19.20 -22.68
CA ALA B 16 56.25 -19.32 -21.23
C ALA B 16 55.12 -20.18 -20.72
N LEU B 17 54.23 -20.58 -21.63
CA LEU B 17 53.09 -21.41 -21.28
C LEU B 17 53.44 -22.89 -21.31
N TYR B 18 54.40 -23.26 -22.15
CA TYR B 18 54.81 -24.65 -22.27
C TYR B 18 55.73 -25.08 -21.14
N GLU B 19 56.33 -24.11 -20.47
CA GLU B 19 57.22 -24.40 -19.35
C GLU B 19 56.47 -24.16 -18.06
N ALA B 20 55.15 -24.03 -18.16
CA ALA B 20 54.31 -23.81 -17.00
C ALA B 20 54.38 -25.02 -16.09
N PRO B 21 54.50 -24.78 -14.78
CA PRO B 21 54.60 -25.84 -13.76
C PRO B 21 53.43 -26.82 -13.80
N ALA B 22 53.71 -28.07 -13.44
CA ALA B 22 52.70 -29.12 -13.44
C ALA B 22 51.50 -28.83 -12.55
N TYR B 23 51.73 -28.20 -11.40
CA TYR B 23 50.67 -27.86 -10.46
C TYR B 23 49.79 -26.71 -10.93
N HIS B 24 50.29 -25.89 -11.85
CA HIS B 24 49.53 -24.77 -12.35
C HIS B 24 48.63 -25.20 -13.49
N LEU B 25 49.05 -26.22 -14.21
CA LEU B 25 48.27 -26.74 -15.33
C LEU B 25 47.18 -27.65 -14.82
N ILE B 26 47.39 -28.30 -13.68
CA ILE B 26 46.38 -29.20 -13.14
C ILE B 26 45.20 -28.39 -12.65
N LEU B 27 45.49 -27.36 -11.85
CA LEU B 27 44.46 -26.50 -11.29
C LEU B 27 43.60 -25.87 -12.38
N GLU B 28 44.23 -25.40 -13.45
CA GLU B 28 43.50 -24.79 -14.56
C GLU B 28 42.66 -25.81 -15.32
N GLY B 29 43.14 -27.04 -15.37
CA GLY B 29 42.43 -28.11 -16.06
C GLY B 29 41.27 -28.64 -15.24
N ILE B 30 41.37 -28.48 -13.92
CA ILE B 30 40.33 -28.93 -13.02
C ILE B 30 39.20 -27.91 -12.99
N LEU B 31 39.52 -26.67 -13.34
CA LEU B 31 38.54 -25.60 -13.35
C LEU B 31 37.68 -25.65 -14.61
N ILE B 32 38.19 -26.31 -15.64
CA ILE B 32 37.46 -26.45 -16.89
C ILE B 32 36.47 -27.59 -16.79
N LEU B 33 36.72 -28.48 -15.83
CA LEU B 33 35.85 -29.63 -15.61
C LEU B 33 34.67 -29.22 -14.77
N TRP B 34 34.80 -28.12 -14.05
CA TRP B 34 33.75 -27.60 -13.20
C TRP B 34 32.76 -26.79 -14.01
N ILE B 35 33.27 -26.03 -14.98
CA ILE B 35 32.41 -25.22 -15.84
C ILE B 35 31.43 -26.15 -16.54
N ILE B 36 31.97 -27.19 -17.17
CA ILE B 36 31.16 -28.16 -17.88
C ILE B 36 30.13 -28.83 -16.98
N ARG B 37 30.55 -29.18 -15.76
CA ARG B 37 29.65 -29.82 -14.82
C ARG B 37 28.53 -28.89 -14.35
N LEU B 38 28.82 -27.59 -14.27
CA LEU B 38 27.82 -26.63 -13.82
C LEU B 38 27.03 -26.02 -14.96
N LEU B 39 27.42 -26.33 -16.19
CA LEU B 39 26.73 -25.83 -17.36
C LEU B 39 25.56 -26.77 -17.68
N PHE B 40 25.70 -28.02 -17.24
CA PHE B 40 24.67 -29.03 -17.44
C PHE B 40 24.01 -29.35 -16.11
N SER B 41 23.34 -28.38 -15.51
CA SER B 41 22.67 -28.58 -14.23
C SER B 41 21.21 -28.14 -14.27
N LYS B 42 20.37 -28.81 -13.50
CA LYS B 42 18.96 -28.46 -13.41
C LYS B 42 18.78 -27.38 -12.36
N THR B 43 17.60 -26.80 -12.27
CA THR B 43 17.40 -25.76 -11.27
C THR B 43 17.38 -26.30 -9.84
N TYR B 44 16.25 -26.85 -9.44
CA TYR B 44 16.07 -27.41 -8.08
C TYR B 44 16.05 -26.37 -6.93
N LYS B 45 14.85 -26.09 -6.44
CA LYS B 45 14.64 -25.10 -5.38
C LYS B 45 15.14 -25.49 -3.98
N LEU B 46 16.46 -25.55 -3.82
CA LEU B 46 17.09 -25.88 -2.54
C LEU B 46 16.47 -27.06 -1.79
N GLN B 47 16.30 -26.90 -0.49
CA GLN B 47 15.72 -27.94 0.35
C GLN B 47 14.39 -27.50 0.94
N GLU B 48 13.30 -27.94 0.33
CA GLU B 48 11.97 -27.59 0.81
C GLU B 48 11.48 -28.60 1.85
N ARG B 49 10.21 -28.45 2.26
CA ARG B 49 9.62 -29.34 3.25
C ARG B 49 9.78 -30.81 2.84
N SER B 50 10.86 -31.43 3.31
CA SER B 50 11.13 -32.83 2.99
C SER B 50 10.73 -33.75 4.14
N MET C 1 10.07 4.71 -6.05
CA MET C 1 9.13 5.02 -4.99
C MET C 1 8.62 3.77 -4.30
N ASN C 2 7.32 3.77 -3.98
CA ASN C 2 6.71 2.66 -3.27
C ASN C 2 6.70 1.33 -4.02
N VAL C 3 7.37 0.35 -3.43
CA VAL C 3 7.43 -0.99 -3.99
C VAL C 3 6.01 -1.52 -4.08
N GLY C 4 5.55 -1.80 -5.29
CA GLY C 4 4.22 -2.33 -5.49
C GLY C 4 3.28 -1.35 -6.16
N THR C 5 3.83 -0.34 -6.81
CA THR C 5 3.01 0.65 -7.50
C THR C 5 2.73 0.24 -8.94
N ALA C 6 3.67 -0.46 -9.56
CA ALA C 6 3.52 -0.88 -10.94
C ALA C 6 3.82 -2.36 -11.15
N HIS C 7 4.02 -3.09 -10.06
CA HIS C 7 4.30 -4.51 -10.12
C HIS C 7 4.00 -5.17 -8.78
N SER C 8 3.49 -6.39 -8.81
CA SER C 8 3.12 -7.13 -7.61
C SER C 8 4.30 -7.55 -6.74
N GLU C 9 5.47 -7.67 -7.35
CA GLU C 9 6.73 -8.07 -6.70
C GLU C 9 6.94 -7.48 -5.30
N VAL C 10 7.05 -8.35 -4.30
CA VAL C 10 7.25 -7.91 -2.92
C VAL C 10 8.70 -7.57 -2.63
N ASN C 11 9.59 -8.06 -3.47
CA ASN C 11 11.00 -7.79 -3.32
C ASN C 11 11.62 -7.74 -4.71
N PRO C 12 11.89 -6.53 -5.21
CA PRO C 12 12.49 -6.30 -6.53
C PRO C 12 14.02 -6.44 -6.59
N ASN C 13 14.63 -6.97 -5.54
CA ASN C 13 16.06 -7.19 -5.46
C ASN C 13 16.37 -8.65 -5.79
N THR C 14 15.39 -9.37 -6.31
CA THR C 14 15.56 -10.77 -6.63
C THR C 14 15.38 -11.03 -8.12
N ARG C 15 15.19 -9.95 -8.87
CA ARG C 15 15.00 -10.06 -10.31
C ARG C 15 15.82 -9.01 -11.03
N VAL C 16 16.73 -8.36 -10.31
CA VAL C 16 17.57 -7.32 -10.88
C VAL C 16 18.62 -7.80 -11.87
N MET C 17 19.15 -9.00 -11.65
CA MET C 17 20.18 -9.54 -12.55
C MET C 17 19.62 -10.22 -13.79
N ASN C 18 18.30 -10.35 -13.85
CA ASN C 18 17.67 -10.98 -15.00
C ASN C 18 17.17 -9.95 -15.99
N SER C 19 17.50 -8.69 -15.74
CA SER C 19 17.08 -7.59 -16.59
C SER C 19 17.72 -7.61 -17.98
N ARG C 20 17.09 -6.95 -18.92
CA ARG C 20 17.59 -6.89 -20.28
C ARG C 20 18.75 -5.90 -20.40
N GLY C 21 19.94 -6.43 -20.65
CA GLY C 21 21.12 -5.62 -20.82
C GLY C 21 22.01 -5.48 -19.62
N ILE C 22 21.79 -6.29 -18.59
CA ILE C 22 22.61 -6.21 -17.40
C ILE C 22 23.82 -7.13 -17.49
N TRP C 23 23.78 -8.08 -18.43
CA TRP C 23 24.89 -9.00 -18.61
C TRP C 23 25.95 -8.33 -19.48
N LEU C 24 25.49 -7.63 -20.50
CA LEU C 24 26.40 -6.94 -21.42
C LEU C 24 26.87 -5.61 -20.86
N SER C 25 26.19 -5.11 -19.84
CA SER C 25 26.53 -3.84 -19.22
C SER C 25 27.47 -4.05 -18.04
N TYR C 26 27.54 -5.29 -17.58
CA TYR C 26 28.40 -5.63 -16.45
C TYR C 26 29.76 -6.09 -16.97
N VAL C 27 29.78 -6.54 -18.23
CA VAL C 27 31.01 -6.98 -18.87
C VAL C 27 31.76 -5.77 -19.41
N LEU C 28 31.04 -4.66 -19.59
CA LEU C 28 31.64 -3.43 -20.08
C LEU C 28 32.25 -2.66 -18.92
N ALA C 29 31.85 -3.01 -17.70
CA ALA C 29 32.36 -2.37 -16.49
C ALA C 29 33.71 -2.97 -16.14
N ILE C 30 33.88 -4.25 -16.41
CA ILE C 30 35.14 -4.92 -16.13
C ILE C 30 36.17 -4.46 -17.15
N GLY C 31 35.70 -4.23 -18.37
CA GLY C 31 36.58 -3.78 -19.44
C GLY C 31 36.95 -2.33 -19.27
N LEU C 32 36.10 -1.55 -18.63
CA LEU C 32 36.35 -0.14 -18.42
C LEU C 32 37.30 0.05 -17.26
N LEU C 33 37.25 -0.85 -16.29
CA LEU C 33 38.13 -0.78 -15.13
C LEU C 33 39.54 -1.20 -15.50
N HIS C 34 39.66 -2.05 -16.50
CA HIS C 34 40.95 -2.53 -16.97
C HIS C 34 41.65 -1.54 -17.88
N ILE C 35 40.90 -0.57 -18.39
CA ILE C 35 41.45 0.43 -19.29
C ILE C 35 41.95 1.67 -18.55
N VAL C 36 41.50 1.86 -17.32
CA VAL C 36 41.94 3.02 -16.56
C VAL C 36 43.22 2.66 -15.78
N LEU C 37 43.42 1.37 -15.56
CA LEU C 37 44.60 0.90 -14.86
C LEU C 37 45.72 0.76 -15.86
N LEU C 38 45.34 0.38 -17.08
CA LEU C 38 46.28 0.21 -18.18
C LEU C 38 46.78 1.56 -18.65
N SER C 39 46.21 2.65 -18.13
CA SER C 39 46.62 3.98 -18.51
C SER C 39 47.67 4.53 -17.56
N ILE C 40 47.81 3.90 -16.39
CA ILE C 40 48.82 4.31 -15.43
C ILE C 40 50.14 4.15 -16.14
N PRO C 41 50.99 5.18 -16.11
CA PRO C 41 52.23 5.06 -16.90
C PRO C 41 53.28 4.15 -16.28
N PHE C 42 53.49 4.24 -14.97
CA PHE C 42 54.62 3.55 -14.33
C PHE C 42 54.26 2.18 -13.79
N VAL C 43 53.59 1.35 -14.59
CA VAL C 43 53.16 0.03 -14.16
C VAL C 43 53.29 -0.95 -15.31
N SER C 44 53.79 -2.15 -15.04
CA SER C 44 53.95 -3.16 -16.07
C SER C 44 52.65 -3.92 -16.29
N VAL C 45 52.55 -4.57 -17.47
CA VAL C 45 51.32 -5.28 -17.81
C VAL C 45 50.98 -6.40 -16.84
N PRO C 46 51.90 -7.25 -16.39
CA PRO C 46 51.51 -8.27 -15.41
C PRO C 46 50.93 -7.70 -14.13
N VAL C 47 51.42 -6.55 -13.67
CA VAL C 47 50.84 -5.90 -12.49
C VAL C 47 49.43 -5.40 -12.80
N VAL C 48 49.23 -4.83 -13.99
CA VAL C 48 47.90 -4.41 -14.41
C VAL C 48 46.92 -5.56 -14.40
N TRP C 49 47.29 -6.71 -14.95
CA TRP C 49 46.36 -7.83 -15.03
C TRP C 49 46.12 -8.50 -13.68
N THR C 50 46.94 -8.23 -12.68
CA THR C 50 46.67 -8.73 -11.33
C THR C 50 45.80 -7.75 -10.54
N LEU C 51 46.06 -6.45 -10.66
CA LEU C 51 45.18 -5.46 -10.04
C LEU C 51 43.77 -5.50 -10.60
N THR C 52 43.61 -5.80 -11.90
CA THR C 52 42.29 -5.96 -12.47
C THR C 52 41.53 -7.14 -11.88
N ASN C 53 42.20 -8.26 -11.67
CA ASN C 53 41.57 -9.46 -11.12
C ASN C 53 41.31 -9.38 -9.63
N LEU C 54 42.19 -8.74 -8.86
CA LEU C 54 41.97 -8.58 -7.42
C LEU C 54 40.91 -7.55 -7.09
N ILE C 55 40.87 -6.42 -7.80
CA ILE C 55 39.87 -5.40 -7.51
C ILE C 55 38.47 -5.83 -7.90
N HIS C 56 38.30 -6.52 -9.02
CA HIS C 56 37.01 -7.06 -9.40
C HIS C 56 36.48 -8.07 -8.39
N ASN C 57 37.34 -8.95 -7.89
CA ASN C 57 36.90 -9.96 -6.94
C ASN C 57 36.64 -9.39 -5.56
N MET C 58 37.19 -8.21 -5.29
CA MET C 58 37.01 -7.55 -4.01
C MET C 58 35.67 -6.82 -3.97
N GLY C 59 35.27 -6.25 -5.09
CA GLY C 59 33.99 -5.58 -5.16
C GLY C 59 32.86 -6.57 -5.35
N MET C 60 33.14 -7.66 -6.03
CA MET C 60 32.16 -8.73 -6.22
C MET C 60 31.88 -9.50 -4.94
N TYR C 61 32.81 -9.51 -4.00
CA TYR C 61 32.60 -10.15 -2.72
C TYR C 61 31.82 -9.28 -1.75
N ILE C 62 32.09 -7.97 -1.74
CA ILE C 62 31.34 -7.05 -0.90
C ILE C 62 29.90 -6.89 -1.34
N PHE C 63 29.65 -6.69 -2.63
CA PHE C 63 28.30 -6.41 -3.11
C PHE C 63 27.42 -7.65 -3.22
N LEU C 64 28.00 -8.84 -3.30
CA LEU C 64 27.22 -10.05 -3.47
C LEU C 64 27.23 -10.96 -2.25
N HIS C 65 28.19 -10.83 -1.35
CA HIS C 65 28.35 -11.78 -0.25
C HIS C 65 28.54 -11.10 1.10
N THR C 66 28.47 -9.78 1.16
CA THR C 66 28.64 -9.12 2.45
C THR C 66 27.43 -8.26 2.84
N VAL C 67 26.99 -7.38 1.95
CA VAL C 67 25.92 -6.45 2.28
C VAL C 67 24.60 -7.21 2.26
N LYS C 68 23.89 -7.22 3.38
CA LYS C 68 22.68 -8.02 3.53
C LYS C 68 21.49 -7.15 3.87
N GLY C 69 20.34 -7.50 3.30
CA GLY C 69 19.13 -6.73 3.42
C GLY C 69 18.65 -6.22 2.07
N THR C 70 17.88 -5.14 2.11
CA THR C 70 17.40 -4.48 0.90
C THR C 70 17.53 -2.99 1.15
N PRO C 71 17.75 -2.20 0.09
CA PRO C 71 17.89 -0.75 0.20
C PRO C 71 16.57 0.01 0.29
N PHE C 72 15.45 -0.68 0.24
CA PHE C 72 14.14 -0.04 0.32
C PHE C 72 13.24 -0.82 1.26
N GLU C 73 12.09 -0.24 1.59
CA GLU C 73 11.13 -0.88 2.47
C GLU C 73 10.17 -1.68 1.61
N THR C 74 10.07 -2.98 1.86
CA THR C 74 9.16 -3.81 1.09
C THR C 74 7.97 -4.30 1.91
N PRO C 75 6.94 -4.82 1.23
CA PRO C 75 5.72 -5.31 1.89
C PRO C 75 5.79 -6.77 2.35
N ASP C 76 6.98 -7.35 2.41
CA ASP C 76 7.12 -8.73 2.86
C ASP C 76 7.59 -8.79 4.30
N GLN C 77 7.42 -7.68 5.01
CA GLN C 77 7.77 -7.54 6.41
C GLN C 77 9.21 -7.83 6.81
N GLY C 78 10.15 -7.54 5.93
CA GLY C 78 11.55 -7.75 6.26
C GLY C 78 11.92 -9.20 6.42
N LYS C 79 11.73 -9.98 5.36
CA LYS C 79 12.05 -11.39 5.38
C LYS C 79 13.47 -11.65 4.90
N ALA C 80 13.99 -10.74 4.09
CA ALA C 80 15.34 -10.88 3.55
C ALA C 80 16.30 -9.95 4.29
N ARG C 81 16.06 -9.75 5.58
CA ARG C 81 16.88 -8.85 6.38
C ARG C 81 18.23 -9.39 6.80
N LEU C 82 18.37 -10.71 6.85
CA LEU C 82 19.63 -11.32 7.27
C LEU C 82 20.29 -12.08 6.13
N LEU C 83 19.90 -11.78 4.89
CA LEU C 83 20.45 -12.45 3.73
C LEU C 83 21.29 -11.53 2.86
N THR C 84 22.22 -12.11 2.13
CA THR C 84 23.09 -11.37 1.23
C THR C 84 22.47 -11.37 -0.16
N HIS C 85 22.97 -10.54 -1.06
CA HIS C 85 22.40 -10.48 -2.40
C HIS C 85 22.36 -11.84 -3.11
N TRP C 86 23.43 -12.62 -2.99
CA TRP C 86 23.52 -13.92 -3.62
C TRP C 86 22.42 -14.87 -3.16
N GLU C 87 22.09 -14.83 -1.87
CA GLU C 87 21.07 -15.70 -1.31
C GLU C 87 19.66 -15.26 -1.63
N GLN C 88 19.48 -14.01 -2.04
CA GLN C 88 18.17 -13.50 -2.38
C GLN C 88 17.84 -13.75 -3.83
N MET C 89 18.88 -13.78 -4.67
CA MET C 89 18.72 -13.96 -6.10
C MET C 89 17.78 -15.11 -6.44
N ASP C 90 16.72 -14.78 -7.19
CA ASP C 90 15.73 -15.75 -7.64
C ASP C 90 15.02 -16.49 -6.53
N TYR C 91 14.82 -15.82 -5.39
CA TYR C 91 14.15 -16.38 -4.21
C TYR C 91 14.75 -17.70 -3.70
N GLY C 92 16.07 -17.85 -3.78
CA GLY C 92 16.73 -19.03 -3.30
C GLY C 92 16.81 -20.23 -4.23
N VAL C 93 16.45 -20.06 -5.49
CA VAL C 93 16.51 -21.18 -6.45
C VAL C 93 17.92 -21.32 -7.00
N GLN C 94 18.47 -22.52 -6.94
CA GLN C 94 19.83 -22.79 -7.40
C GLN C 94 19.95 -23.12 -8.88
N PHE C 95 21.14 -22.86 -9.41
CA PHE C 95 21.49 -23.12 -10.80
C PHE C 95 20.55 -22.51 -11.85
N THR C 96 20.30 -21.21 -11.75
CA THR C 96 19.46 -20.55 -12.73
C THR C 96 20.34 -19.97 -13.83
N ALA C 97 19.75 -19.23 -14.76
CA ALA C 97 20.52 -18.66 -15.85
C ALA C 97 21.54 -17.63 -15.37
N SER C 98 21.14 -16.79 -14.43
CA SER C 98 22.01 -15.75 -13.92
C SER C 98 23.04 -16.22 -12.90
N ARG C 99 22.75 -17.29 -12.19
CA ARG C 99 23.69 -17.82 -11.20
C ARG C 99 24.77 -18.68 -11.84
N LYS C 100 24.68 -18.95 -13.13
CA LYS C 100 25.76 -19.57 -13.89
C LYS C 100 26.69 -18.55 -14.50
N PHE C 101 26.16 -17.45 -15.02
CA PHE C 101 26.98 -16.37 -15.56
C PHE C 101 27.90 -15.77 -14.51
N LEU C 102 27.38 -15.52 -13.30
CA LEU C 102 28.17 -14.91 -12.24
C LEU C 102 29.17 -15.88 -11.66
N THR C 103 28.92 -17.19 -11.76
CA THR C 103 29.92 -18.16 -11.33
C THR C 103 30.98 -18.39 -12.39
N ILE C 104 30.64 -18.21 -13.66
CA ILE C 104 31.60 -18.52 -14.72
C ILE C 104 32.52 -17.35 -15.01
N THR C 105 32.03 -16.11 -14.97
CA THR C 105 32.87 -15.00 -15.39
C THR C 105 34.15 -14.80 -14.57
N PRO C 106 34.18 -14.97 -13.23
CA PRO C 106 35.49 -14.90 -12.55
C PRO C 106 36.48 -15.97 -12.99
N ILE C 107 36.01 -17.16 -13.36
CA ILE C 107 36.92 -18.20 -13.84
C ILE C 107 37.56 -17.79 -15.15
N VAL C 108 36.76 -17.25 -16.08
CA VAL C 108 37.30 -16.78 -17.35
C VAL C 108 38.27 -15.64 -17.14
N LEU C 109 38.02 -14.78 -16.16
CA LEU C 109 38.92 -13.67 -15.92
C LEU C 109 40.21 -14.16 -15.28
N TYR C 110 40.18 -15.39 -14.78
CA TYR C 110 41.33 -15.98 -14.12
C TYR C 110 42.26 -16.68 -15.10
N PHE C 111 41.73 -17.03 -16.27
CA PHE C 111 42.51 -17.70 -17.29
C PHE C 111 43.31 -16.67 -18.09
N LEU C 112 42.72 -15.51 -18.30
CA LEU C 112 43.37 -14.44 -19.05
C LEU C 112 44.46 -13.78 -18.23
N THR C 113 44.30 -13.78 -16.92
CA THR C 113 45.28 -13.16 -16.03
C THR C 113 46.42 -14.11 -15.68
N SER C 114 46.27 -15.37 -16.05
CA SER C 114 47.31 -16.36 -15.79
C SER C 114 48.21 -16.45 -17.00
N PHE C 115 47.66 -16.12 -18.17
CA PHE C 115 48.40 -16.17 -19.41
C PHE C 115 49.13 -14.86 -19.67
N TYR C 116 48.60 -13.76 -19.16
CA TYR C 116 49.22 -12.47 -19.38
C TYR C 116 50.28 -12.20 -18.33
N THR C 117 50.26 -12.99 -17.26
CA THR C 117 51.22 -12.85 -16.19
C THR C 117 52.38 -13.84 -16.37
N LYS C 118 52.34 -14.59 -17.46
CA LYS C 118 53.38 -15.57 -17.77
C LYS C 118 53.57 -16.65 -16.70
N TYR C 119 52.47 -17.07 -16.09
CA TYR C 119 52.50 -18.12 -15.07
C TYR C 119 53.53 -17.93 -13.95
N ASP C 120 53.67 -16.71 -13.46
CA ASP C 120 54.62 -16.42 -12.39
C ASP C 120 54.12 -17.02 -11.08
N GLN C 121 55.05 -17.48 -10.24
CA GLN C 121 54.73 -18.10 -8.96
C GLN C 121 54.16 -17.11 -7.94
N ILE C 122 54.70 -15.90 -7.91
CA ILE C 122 54.21 -14.90 -6.96
C ILE C 122 52.83 -14.38 -7.35
N HIS C 123 52.54 -14.38 -8.65
CA HIS C 123 51.26 -13.93 -9.16
C HIS C 123 50.22 -15.04 -9.15
N PHE C 124 50.66 -16.26 -8.88
CA PHE C 124 49.76 -17.40 -8.83
C PHE C 124 49.26 -17.66 -7.43
N VAL C 125 49.97 -17.14 -6.43
CA VAL C 125 49.57 -17.33 -5.04
C VAL C 125 48.81 -16.13 -4.51
N LEU C 126 48.40 -15.25 -5.41
CA LEU C 126 47.65 -14.06 -5.07
C LEU C 126 46.33 -14.11 -5.80
N ASN C 127 46.38 -14.61 -7.03
CA ASN C 127 45.20 -14.71 -7.87
C ASN C 127 44.39 -15.95 -7.59
N THR C 128 45.02 -16.96 -7.00
CA THR C 128 44.32 -18.19 -6.67
C THR C 128 43.70 -18.12 -5.31
N VAL C 129 44.28 -17.29 -4.45
CA VAL C 129 43.79 -17.12 -3.09
C VAL C 129 42.66 -16.09 -3.08
N SER C 130 42.59 -15.29 -4.14
CA SER C 130 41.56 -14.27 -4.28
C SER C 130 40.38 -14.84 -5.05
N LEU C 131 40.65 -15.79 -5.93
CA LEU C 131 39.60 -16.42 -6.72
C LEU C 131 38.81 -17.43 -5.90
N MET C 132 39.41 -17.93 -4.83
CA MET C 132 38.76 -18.92 -3.98
C MET C 132 37.76 -18.23 -3.05
N SER C 133 38.08 -17.01 -2.65
CA SER C 133 37.24 -16.22 -1.77
C SER C 133 35.91 -15.82 -2.41
N VAL C 134 35.77 -16.00 -3.72
CA VAL C 134 34.55 -15.63 -4.43
C VAL C 134 33.85 -16.83 -5.05
N LEU C 135 34.50 -18.00 -5.09
CA LEU C 135 33.87 -19.23 -5.54
C LEU C 135 33.30 -20.07 -4.42
N ILE C 136 33.91 -20.04 -3.24
CA ILE C 136 33.42 -20.79 -2.07
C ILE C 136 32.03 -20.31 -1.65
N PRO C 137 31.78 -19.01 -1.49
CA PRO C 137 30.44 -18.59 -1.05
C PRO C 137 29.34 -18.94 -2.04
N LYS C 138 29.67 -19.25 -3.28
CA LYS C 138 28.68 -19.55 -4.31
C LYS C 138 28.27 -21.01 -4.35
N LEU C 139 28.87 -21.87 -3.54
CA LEU C 139 28.46 -23.25 -3.51
C LEU C 139 27.07 -23.37 -2.89
N PRO C 140 26.23 -24.28 -3.41
CA PRO C 140 24.89 -24.45 -2.82
C PRO C 140 24.91 -24.91 -1.38
N GLN C 141 26.00 -25.50 -0.91
CA GLN C 141 26.07 -26.00 0.47
C GLN C 141 26.34 -24.91 1.49
N LEU C 142 26.77 -23.72 1.05
CA LEU C 142 27.02 -22.61 1.96
C LEU C 142 25.92 -21.56 1.88
N HIS C 143 24.68 -21.96 1.70
CA HIS C 143 23.56 -21.02 1.60
C HIS C 143 23.06 -20.75 3.01
N GLY C 144 23.52 -19.64 3.59
CA GLY C 144 23.07 -19.21 4.88
C GLY C 144 23.98 -19.54 6.05
N VAL C 145 25.17 -20.06 5.78
CA VAL C 145 26.09 -20.39 6.86
C VAL C 145 27.07 -19.26 7.10
N ARG C 146 27.40 -19.02 8.37
CA ARG C 146 28.35 -17.98 8.75
C ARG C 146 29.45 -18.64 9.56
N ILE C 147 30.68 -18.59 9.04
CA ILE C 147 31.81 -19.23 9.69
C ILE C 147 32.18 -18.44 10.95
N PHE C 148 32.22 -19.12 12.09
CA PHE C 148 32.49 -18.52 13.39
C PHE C 148 31.50 -17.42 13.73
N GLY C 149 30.31 -17.46 13.15
CA GLY C 149 29.30 -16.45 13.42
C GLY C 149 29.72 -15.04 13.09
N ILE C 150 30.48 -14.87 12.02
CA ILE C 150 30.91 -13.55 11.55
C ILE C 150 29.90 -13.05 10.53
N ASN C 151 29.60 -11.75 10.59
CA ASN C 151 28.64 -11.12 9.70
C ASN C 151 27.29 -11.82 9.78
N LYS C 152 26.79 -11.93 11.00
CA LYS C 152 25.53 -12.62 11.26
C LYS C 152 24.33 -11.72 11.51
N TYR C 153 24.51 -10.67 12.31
CA TYR C 153 23.42 -9.77 12.62
C TYR C 153 23.74 -8.35 12.17
N ALA D 30 26.17 28.66 -32.28
CA ALA D 30 27.25 27.72 -31.98
C ALA D 30 27.39 27.51 -30.47
N TRP D 31 27.27 28.59 -29.72
CA TRP D 31 27.37 28.53 -28.27
C TRP D 31 26.06 28.04 -27.66
N LYS D 32 24.97 28.22 -28.41
CA LYS D 32 23.66 27.79 -27.96
C LYS D 32 23.47 26.29 -28.16
N GLN D 33 24.27 25.72 -29.06
CA GLN D 33 24.19 24.29 -29.33
C GLN D 33 25.30 23.55 -28.61
N MET D 34 26.32 24.30 -28.19
CA MET D 34 27.43 23.71 -27.47
C MET D 34 27.02 23.48 -26.02
N SER D 35 26.11 24.33 -25.55
CA SER D 35 25.60 24.23 -24.19
C SER D 35 24.51 23.16 -24.11
N TRP D 36 23.93 22.81 -25.26
CA TRP D 36 22.90 21.80 -25.30
C TRP D 36 23.51 20.41 -25.18
N PHE D 37 24.76 20.28 -25.60
CA PHE D 37 25.45 19.01 -25.55
C PHE D 37 25.94 18.71 -24.13
N TYR D 38 26.07 19.75 -23.31
CA TYR D 38 26.48 19.57 -21.94
C TYR D 38 25.27 19.10 -21.14
N TYR D 39 24.10 19.56 -21.56
CA TYR D 39 22.85 19.20 -20.91
C TYR D 39 22.52 17.72 -21.11
N GLN D 40 22.91 17.17 -22.25
CA GLN D 40 22.65 15.76 -22.54
C GLN D 40 23.63 14.86 -21.81
N TYR D 41 24.78 15.42 -21.43
CA TYR D 41 25.80 14.69 -20.70
C TYR D 41 25.44 14.64 -19.23
N LEU D 42 24.60 15.57 -18.79
CA LEU D 42 24.18 15.63 -17.40
C LEU D 42 23.01 14.70 -17.14
N LEU D 43 22.29 14.32 -18.19
CA LEU D 43 21.14 13.44 -18.06
C LEU D 43 21.48 11.96 -18.16
N VAL D 44 22.43 11.61 -19.02
CA VAL D 44 22.80 10.21 -19.19
C VAL D 44 23.67 9.68 -18.05
N THR D 45 24.47 10.54 -17.46
CA THR D 45 25.34 10.14 -16.36
C THR D 45 24.71 10.45 -15.01
N ALA D 46 23.45 10.88 -15.04
CA ALA D 46 22.69 11.23 -13.84
C ALA D 46 23.42 12.20 -12.93
N LEU D 47 24.01 13.25 -13.51
CA LEU D 47 24.73 14.25 -12.74
C LEU D 47 23.81 15.44 -12.61
N TYR D 48 22.67 15.35 -13.28
CA TYR D 48 21.66 16.41 -13.25
C TYR D 48 21.09 16.57 -11.84
N MET D 49 20.83 15.46 -11.17
CA MET D 49 20.28 15.48 -9.81
C MET D 49 21.37 15.25 -8.77
N LEU D 50 22.41 16.08 -8.83
CA LEU D 50 23.46 16.10 -7.82
C LEU D 50 23.81 17.53 -7.47
N GLU D 51 24.40 17.69 -6.29
CA GLU D 51 24.75 19.00 -5.77
C GLU D 51 25.98 19.55 -6.50
N PRO D 52 26.17 20.87 -6.48
CA PRO D 52 27.31 21.45 -7.21
C PRO D 52 28.67 20.93 -6.76
N TRP D 53 28.87 20.64 -5.47
CA TRP D 53 30.16 20.10 -5.06
C TRP D 53 30.33 18.64 -5.42
N GLU D 54 29.25 17.92 -5.71
CA GLU D 54 29.35 16.53 -6.14
C GLU D 54 29.58 16.39 -7.64
N ARG D 55 29.28 17.43 -8.40
CA ARG D 55 29.50 17.42 -9.82
C ARG D 55 30.96 17.71 -10.10
N THR D 56 31.57 18.48 -9.22
CA THR D 56 32.97 18.86 -9.36
C THR D 56 33.90 17.73 -8.97
N VAL D 57 33.41 16.79 -8.18
CA VAL D 57 34.22 15.66 -7.75
C VAL D 57 34.22 14.61 -8.84
N PHE D 58 33.16 14.57 -9.64
CA PHE D 58 33.04 13.60 -10.71
C PHE D 58 33.73 14.10 -11.98
N ASN D 59 33.67 15.40 -12.20
CA ASN D 59 34.29 16.00 -13.38
C ASN D 59 35.80 16.09 -13.22
N SER D 60 36.26 16.13 -11.98
CA SER D 60 37.69 16.21 -11.69
C SER D 60 38.42 14.94 -12.08
N MET D 61 37.89 13.78 -11.69
CA MET D 61 38.54 12.53 -12.01
C MET D 61 38.24 12.01 -13.41
N LEU D 62 37.34 12.66 -14.12
CA LEU D 62 37.03 12.23 -15.47
C LEU D 62 38.03 12.85 -16.42
N VAL D 63 38.48 14.06 -16.09
CA VAL D 63 39.44 14.77 -16.91
C VAL D 63 40.86 14.40 -16.46
N SER D 64 40.97 13.78 -15.29
CA SER D 64 42.25 13.36 -14.75
C SER D 64 42.57 11.94 -15.21
N ILE D 65 41.54 11.22 -15.64
CA ILE D 65 41.70 9.86 -16.12
C ILE D 65 41.75 9.84 -17.65
N VAL D 66 41.31 10.93 -18.26
CA VAL D 66 41.31 11.05 -19.70
C VAL D 66 42.50 11.88 -20.15
N GLY D 67 43.10 12.60 -19.21
CA GLY D 67 44.25 13.43 -19.51
C GLY D 67 45.53 12.64 -19.34
N MET D 68 45.50 11.66 -18.45
CA MET D 68 46.67 10.81 -18.21
C MET D 68 46.66 9.62 -19.16
N ALA D 69 45.55 9.43 -19.85
CA ALA D 69 45.42 8.34 -20.81
C ALA D 69 45.94 8.79 -22.17
N LEU D 70 46.17 10.09 -22.32
CA LEU D 70 46.69 10.66 -23.55
C LEU D 70 48.20 10.77 -23.43
N TYR D 71 48.69 10.85 -22.21
CA TYR D 71 50.13 10.93 -21.97
C TYR D 71 50.75 9.55 -22.07
N THR D 72 49.93 8.53 -21.84
CA THR D 72 50.37 7.14 -21.94
C THR D 72 50.21 6.65 -23.39
N GLY D 73 49.51 7.44 -24.20
CA GLY D 73 49.30 7.13 -25.61
C GLY D 73 50.28 7.91 -26.46
N TYR D 74 51.28 8.51 -25.82
CA TYR D 74 52.30 9.28 -26.51
C TYR D 74 53.67 8.89 -25.95
N VAL D 75 53.75 7.67 -25.42
CA VAL D 75 54.99 7.14 -24.87
C VAL D 75 55.10 5.66 -25.19
N PHE D 76 53.97 5.06 -25.57
CA PHE D 76 53.93 3.65 -25.91
C PHE D 76 53.21 3.43 -27.23
N MET D 77 53.18 4.48 -28.06
CA MET D 77 52.52 4.41 -29.36
C MET D 77 53.25 5.27 -30.38
N ASP E 1 6.25 -41.32 -15.29
CA ASP E 1 5.30 -41.10 -14.22
C ASP E 1 4.19 -40.17 -14.67
N LEU E 2 2.97 -40.45 -14.21
CA LEU E 2 1.77 -39.67 -14.53
C LEU E 2 1.49 -39.54 -16.03
N THR E 3 0.89 -40.57 -16.60
CA THR E 3 0.57 -40.60 -18.03
C THR E 3 -0.53 -39.61 -18.44
N VAL E 4 -0.65 -39.38 -19.73
CA VAL E 4 -1.63 -38.44 -20.28
C VAL E 4 -3.09 -38.88 -20.22
N LYS E 5 -3.33 -40.17 -19.97
CA LYS E 5 -4.69 -40.68 -19.88
C LYS E 5 -5.22 -40.48 -18.48
N GLU E 6 -4.37 -40.71 -17.49
CA GLU E 6 -4.76 -40.55 -16.10
C GLU E 6 -4.94 -39.08 -15.76
N LYS E 7 -4.03 -38.25 -16.26
CA LYS E 7 -4.06 -36.81 -16.03
C LYS E 7 -5.41 -36.19 -16.37
N GLU E 8 -5.96 -36.55 -17.53
CA GLU E 8 -7.24 -36.02 -17.98
C GLU E 8 -8.44 -36.50 -17.17
N GLU E 9 -8.30 -37.65 -16.50
CA GLU E 9 -9.39 -38.20 -15.70
C GLU E 9 -9.37 -37.62 -14.29
N LEU E 10 -8.21 -37.12 -13.90
CA LEU E 10 -8.03 -36.52 -12.57
C LEU E 10 -8.73 -35.18 -12.50
N ILE E 11 -8.79 -34.49 -13.64
CA ILE E 11 -9.43 -33.18 -13.73
C ILE E 11 -10.95 -33.29 -13.84
N GLU E 12 -11.45 -34.48 -14.13
CA GLU E 12 -12.88 -34.71 -14.25
C GLU E 12 -13.50 -35.14 -12.93
N GLU E 13 -12.67 -35.67 -12.04
CA GLU E 13 -13.10 -36.14 -10.75
C GLU E 13 -13.27 -35.00 -9.76
N TRP E 14 -12.42 -33.97 -9.88
CA TRP E 14 -12.42 -32.88 -8.91
C TRP E 14 -13.75 -32.14 -8.92
N GLN E 15 -14.17 -31.71 -7.73
CA GLN E 15 -15.40 -30.95 -7.57
C GLN E 15 -15.16 -29.97 -6.44
N PRO E 16 -15.16 -28.67 -6.74
CA PRO E 16 -14.89 -27.69 -5.69
C PRO E 16 -16.07 -27.49 -4.76
N GLU E 17 -15.79 -26.86 -3.64
CA GLU E 17 -16.82 -26.44 -2.70
C GLU E 17 -17.48 -25.15 -3.16
N PRO E 18 -18.71 -24.90 -2.75
CA PRO E 18 -19.38 -23.66 -3.15
C PRO E 18 -18.64 -22.45 -2.58
N LEU E 19 -18.73 -21.34 -3.31
CA LEU E 19 -18.07 -20.10 -2.89
C LEU E 19 -18.46 -19.72 -1.47
N VAL E 20 -19.76 -19.68 -1.20
CA VAL E 20 -20.26 -19.33 0.12
C VAL E 20 -21.19 -20.40 0.66
N PRO E 21 -20.97 -20.83 1.91
CA PRO E 21 -21.80 -21.84 2.56
C PRO E 21 -23.20 -21.33 2.85
N PRO E 22 -24.19 -22.24 2.91
CA PRO E 22 -25.58 -21.89 3.16
C PRO E 22 -26.00 -21.98 4.63
N VAL E 23 -26.96 -22.86 4.90
CA VAL E 23 -27.51 -23.11 6.24
C VAL E 23 -27.69 -21.88 7.13
N PRO E 24 -28.51 -20.91 6.68
CA PRO E 24 -28.78 -19.69 7.44
C PRO E 24 -30.18 -19.76 8.05
N LYS E 25 -30.97 -18.72 7.81
CA LYS E 25 -32.35 -18.63 8.29
C LYS E 25 -32.54 -18.84 9.81
N ASP E 26 -31.59 -18.34 10.59
CA ASP E 26 -31.60 -18.45 12.05
C ASP E 26 -30.59 -17.49 12.65
N HIS E 27 -29.69 -16.99 11.82
CA HIS E 27 -28.65 -16.06 12.24
C HIS E 27 -29.20 -14.88 13.03
N PRO E 28 -28.52 -14.51 14.12
CA PRO E 28 -28.92 -13.40 14.98
C PRO E 28 -29.01 -12.09 14.21
N ALA E 29 -28.07 -11.85 13.30
CA ALA E 29 -28.06 -10.64 12.50
C ALA E 29 -28.89 -10.78 11.22
N LEU E 30 -28.33 -10.32 10.11
CA LEU E 30 -29.00 -10.37 8.81
C LEU E 30 -30.42 -9.83 8.85
N ASN E 31 -30.59 -8.67 9.46
CA ASN E 31 -31.88 -8.01 9.61
C ASN E 31 -31.63 -6.58 10.06
N TYR E 32 -30.86 -5.85 9.28
CA TYR E 32 -30.52 -4.46 9.60
C TYR E 32 -31.77 -3.64 9.87
N ASN E 33 -31.75 -2.85 10.94
CA ASN E 33 -32.87 -2.00 11.27
C ASN E 33 -32.76 -0.73 10.43
N ILE E 34 -33.80 -0.44 9.66
CA ILE E 34 -33.80 0.74 8.81
C ILE E 34 -34.12 2.00 9.58
N VAL E 35 -33.25 3.00 9.44
CA VAL E 35 -33.43 4.29 10.10
C VAL E 35 -33.88 5.30 9.05
N SER E 36 -35.03 5.94 9.28
CA SER E 36 -35.58 6.89 8.32
C SER E 36 -35.24 8.31 8.78
N GLY E 37 -34.33 8.96 8.07
CA GLY E 37 -33.86 10.26 8.45
C GLY E 37 -32.49 10.19 9.08
N PRO E 38 -31.97 11.32 9.52
CA PRO E 38 -30.67 11.34 10.20
C PRO E 38 -30.74 10.61 11.52
N PRO E 39 -29.67 9.92 11.91
CA PRO E 39 -29.66 9.29 13.24
C PRO E 39 -29.34 10.30 14.34
N SER E 40 -30.27 11.23 14.53
CA SER E 40 -30.08 12.31 15.50
C SER E 40 -30.61 11.89 16.87
N HIS E 41 -30.79 12.87 17.76
CA HIS E 41 -31.29 12.59 19.11
C HIS E 41 -32.62 11.84 19.05
N LYS E 42 -33.62 12.48 18.46
CA LYS E 42 -34.92 11.87 18.26
C LYS E 42 -34.79 11.19 16.91
N THR E 43 -34.97 9.87 16.88
CA THR E 43 -34.78 9.13 15.64
C THR E 43 -36.03 8.30 15.34
N VAL E 44 -36.07 7.77 14.12
CA VAL E 44 -37.17 6.90 13.67
C VAL E 44 -36.57 5.59 13.20
N VAL E 45 -36.63 4.55 14.04
CA VAL E 45 -36.06 3.26 13.70
C VAL E 45 -37.20 2.27 13.50
N ASN E 46 -37.23 1.64 12.32
CA ASN E 46 -38.28 0.68 11.95
C ASN E 46 -39.66 1.31 12.10
N GLY E 47 -39.79 2.55 11.65
CA GLY E 47 -41.05 3.26 11.72
C GLY E 47 -41.54 3.48 13.14
N LYS E 48 -40.66 3.94 14.01
CA LYS E 48 -41.00 4.22 15.39
C LYS E 48 -40.14 5.37 15.88
N GLU E 49 -40.75 6.34 16.55
CA GLU E 49 -40.02 7.50 17.04
C GLU E 49 -39.56 7.25 18.48
N CYS E 50 -38.27 7.30 18.71
CA CYS E 50 -37.73 7.07 20.05
C CYS E 50 -36.36 7.71 20.24
N ILE E 51 -36.00 7.96 21.49
CA ILE E 51 -34.70 8.55 21.81
C ILE E 51 -33.66 7.44 21.72
N ASN E 52 -32.63 7.64 20.92
CA ASN E 52 -31.62 6.61 20.76
C ASN E 52 -30.46 6.68 21.74
N PHE E 53 -30.04 5.51 22.21
CA PHE E 53 -28.93 5.36 23.11
C PHE E 53 -28.00 4.39 22.43
N ALA E 54 -27.82 4.55 21.12
CA ALA E 54 -26.98 3.64 20.35
C ALA E 54 -25.93 4.30 19.47
N SER E 55 -26.08 5.59 19.18
CA SER E 55 -25.12 6.28 18.33
C SER E 55 -23.90 6.73 19.13
N PHE E 56 -22.75 6.78 18.47
CA PHE E 56 -21.50 7.14 19.15
C PHE E 56 -21.07 8.59 19.09
N ASN E 57 -22.01 9.53 19.01
CA ASN E 57 -21.63 10.94 19.01
C ASN E 57 -21.93 11.50 20.39
N PHE E 58 -20.88 11.68 21.18
CA PHE E 58 -21.00 12.14 22.56
C PHE E 58 -21.25 13.62 22.79
N LEU E 59 -20.58 14.48 22.04
CA LEU E 59 -20.75 15.91 22.23
C LEU E 59 -21.71 16.55 21.23
N GLY E 60 -22.69 15.78 20.78
CA GLY E 60 -23.63 16.28 19.79
C GLY E 60 -22.88 16.37 18.47
N LEU E 61 -22.79 17.59 17.94
CA LEU E 61 -22.07 17.92 16.68
C LEU E 61 -22.57 17.38 15.32
N LEU E 62 -23.22 16.22 15.27
CA LEU E 62 -23.70 15.69 14.00
C LEU E 62 -24.62 16.68 13.32
N ASP E 63 -25.49 17.32 14.10
CA ASP E 63 -26.41 18.30 13.53
C ASP E 63 -26.19 19.70 14.08
N ASN E 64 -24.96 20.02 14.49
CA ASN E 64 -24.66 21.39 14.89
C ASN E 64 -24.77 22.30 13.67
N PRO E 65 -25.51 23.40 13.76
CA PRO E 65 -25.65 24.28 12.59
C PRO E 65 -24.34 24.84 12.08
N ARG E 66 -23.39 25.15 12.98
CA ARG E 66 -22.12 25.70 12.54
C ARG E 66 -21.25 24.66 11.85
N VAL E 67 -21.30 23.41 12.29
CA VAL E 67 -20.57 22.35 11.61
C VAL E 67 -21.19 22.05 10.25
N LYS E 68 -22.51 22.10 10.14
CA LYS E 68 -23.20 21.89 8.87
C LYS E 68 -22.96 23.01 7.89
N ALA E 69 -22.87 24.26 8.36
CA ALA E 69 -22.69 25.40 7.47
C ALA E 69 -21.25 25.62 7.06
N ALA E 70 -20.31 24.89 7.63
CA ALA E 70 -18.91 24.97 7.22
C ALA E 70 -18.52 23.89 6.22
N ALA E 71 -19.18 22.75 6.27
CA ALA E 71 -19.01 21.73 5.24
C ALA E 71 -19.70 22.12 3.94
N LEU E 72 -20.69 23.00 3.99
CA LEU E 72 -21.31 23.52 2.78
C LEU E 72 -20.42 24.50 2.05
N ALA E 73 -19.70 25.35 2.76
CA ALA E 73 -18.80 26.30 2.13
C ALA E 73 -17.60 25.63 1.50
N SER E 74 -17.27 24.41 1.90
CA SER E 74 -16.21 23.63 1.28
C SER E 74 -16.73 22.71 0.19
N LEU E 75 -18.04 22.54 0.09
CA LEU E 75 -18.64 21.82 -1.02
C LEU E 75 -18.84 22.70 -2.25
N LYS E 76 -19.11 23.99 -2.06
CA LYS E 76 -19.31 24.89 -3.18
C LYS E 76 -18.01 25.44 -3.74
N LYS E 77 -16.87 25.10 -3.16
CA LYS E 77 -15.61 25.61 -3.69
C LYS E 77 -14.66 24.48 -4.06
N TYR E 78 -14.99 23.24 -3.72
CA TYR E 78 -14.12 22.10 -4.02
C TYR E 78 -14.81 20.97 -4.77
N GLY E 79 -16.13 20.86 -4.73
CA GLY E 79 -16.78 19.68 -5.26
C GLY E 79 -17.07 18.67 -4.16
N VAL E 80 -17.20 17.40 -4.51
CA VAL E 80 -17.49 16.38 -3.50
C VAL E 80 -16.24 15.56 -3.19
N GLY E 81 -15.70 14.89 -4.19
CA GLY E 81 -14.60 13.98 -3.93
C GLY E 81 -13.30 14.34 -4.60
N THR E 82 -12.19 14.00 -3.94
CA THR E 82 -10.88 14.08 -4.56
C THR E 82 -10.77 13.01 -5.64
N CYS E 83 -9.76 13.14 -6.49
CA CYS E 83 -9.57 12.17 -7.57
C CYS E 83 -8.17 11.58 -7.58
N GLY E 84 -7.52 11.51 -6.42
CA GLY E 84 -6.15 11.07 -6.39
C GLY E 84 -5.73 10.42 -5.09
N PRO E 85 -4.60 9.73 -5.11
CA PRO E 85 -4.13 8.98 -3.95
C PRO E 85 -3.27 9.76 -2.97
N ARG E 86 -3.30 11.09 -3.00
CA ARG E 86 -2.61 11.94 -2.04
C ARG E 86 -1.11 12.02 -2.32
N GLY E 87 -0.62 11.19 -3.23
CA GLY E 87 0.75 11.27 -3.67
C GLY E 87 0.83 11.88 -5.06
N PHE E 88 -0.28 11.87 -5.79
CA PHE E 88 -0.41 12.52 -7.08
C PHE E 88 -1.64 13.42 -7.06
N TYR E 89 -1.46 14.71 -6.77
CA TYR E 89 -2.54 15.70 -6.91
C TYR E 89 -3.79 15.29 -6.13
N GLY E 90 -3.58 14.68 -4.97
CA GLY E 90 -4.70 14.24 -4.15
C GLY E 90 -4.76 14.99 -2.83
N THR E 91 -3.81 15.89 -2.63
CA THR E 91 -3.74 16.66 -1.40
C THR E 91 -4.15 18.11 -1.64
N PHE E 92 -5.23 18.53 -1.00
CA PHE E 92 -5.72 19.89 -1.12
C PHE E 92 -5.12 20.73 -0.01
N ASP E 93 -5.56 21.97 0.12
CA ASP E 93 -5.05 22.84 1.17
C ASP E 93 -5.86 22.73 2.45
N VAL E 94 -6.90 21.90 2.43
CA VAL E 94 -7.73 21.66 3.61
C VAL E 94 -7.17 20.47 4.38
N HIS E 95 -6.40 19.64 3.70
CA HIS E 95 -5.79 18.47 4.32
C HIS E 95 -4.56 18.89 5.09
N LEU E 96 -3.92 19.95 4.62
CA LEU E 96 -2.72 20.47 5.26
C LEU E 96 -3.11 21.39 6.40
N ASP E 97 -4.34 21.87 6.37
CA ASP E 97 -4.84 22.77 7.40
C ASP E 97 -5.53 22.00 8.52
N LEU E 98 -5.82 20.73 8.27
CA LEU E 98 -6.47 19.89 9.27
C LEU E 98 -5.43 19.15 10.07
N GLU E 99 -4.30 18.85 9.43
CA GLU E 99 -3.22 18.13 10.08
C GLU E 99 -2.48 19.07 11.01
N ASP E 100 -2.32 20.31 10.60
CA ASP E 100 -1.62 21.30 11.41
C ASP E 100 -2.51 21.73 12.57
N ARG E 101 -3.81 21.72 12.36
CA ARG E 101 -4.72 22.11 13.44
C ARG E 101 -4.88 21.01 14.47
N LEU E 102 -4.82 19.74 14.05
CA LEU E 102 -4.92 18.69 15.05
C LEU E 102 -3.71 18.64 15.97
N ALA E 103 -2.52 18.93 15.45
CA ALA E 103 -1.30 18.84 16.25
C ALA E 103 -1.23 19.92 17.31
N LYS E 104 -1.82 21.10 17.05
CA LYS E 104 -1.90 22.12 18.09
C LYS E 104 -2.92 21.78 19.16
N PHE E 105 -3.95 21.02 18.82
CA PHE E 105 -4.93 20.59 19.82
C PHE E 105 -4.34 19.59 20.78
N MET E 106 -3.56 18.65 20.27
CA MET E 106 -2.92 17.63 21.08
C MET E 106 -1.61 18.09 21.70
N LYS E 107 -1.16 19.29 21.34
CA LYS E 107 0.10 19.80 21.86
C LYS E 107 1.21 18.83 21.54
N THR E 108 1.18 18.32 20.31
CA THR E 108 2.14 17.34 19.86
C THR E 108 2.95 17.99 18.75
N GLU E 109 3.83 17.24 18.11
CA GLU E 109 4.71 17.79 17.07
C GLU E 109 4.17 17.69 15.64
N GLU E 110 3.63 16.53 15.29
CA GLU E 110 3.11 16.33 13.94
C GLU E 110 1.93 15.36 13.96
N ALA E 111 1.09 15.43 12.92
CA ALA E 111 -0.06 14.56 12.79
C ALA E 111 -0.18 14.08 11.36
N ILE E 112 -0.86 12.95 11.17
CA ILE E 112 -1.14 12.39 9.85
C ILE E 112 -2.57 11.87 9.82
N ILE E 113 -3.31 12.13 8.73
CA ILE E 113 -4.72 11.77 8.66
C ILE E 113 -4.93 10.74 7.55
N TYR E 114 -5.76 9.75 7.84
CA TYR E 114 -6.23 8.75 6.92
C TYR E 114 -7.67 9.05 6.52
N SER E 115 -8.18 8.32 5.55
CA SER E 115 -9.53 8.54 5.06
C SER E 115 -10.53 7.50 5.56
N TYR E 116 -10.12 6.60 6.45
CA TYR E 116 -11.00 5.55 6.97
C TYR E 116 -10.57 5.23 8.39
N GLY E 117 -11.53 5.18 9.30
CA GLY E 117 -11.20 4.98 10.69
C GLY E 117 -10.66 3.61 11.04
N PHE E 118 -11.03 2.58 10.29
CA PHE E 118 -10.53 1.24 10.55
C PHE E 118 -9.06 1.08 10.17
N ALA E 119 -8.64 1.70 9.07
CA ALA E 119 -7.32 1.46 8.49
C ALA E 119 -6.23 2.34 9.09
N THR E 120 -6.56 3.25 10.01
CA THR E 120 -5.54 4.12 10.55
C THR E 120 -4.59 3.36 11.48
N ILE E 121 -5.10 2.39 12.22
CA ILE E 121 -4.27 1.58 13.10
C ILE E 121 -3.95 0.22 12.51
N ALA E 122 -4.71 -0.24 11.54
CA ALA E 122 -4.36 -1.45 10.80
C ALA E 122 -3.25 -1.20 9.80
N SER E 123 -2.90 0.07 9.53
CA SER E 123 -1.79 0.42 8.68
C SER E 123 -0.60 1.00 9.44
N ALA E 124 -0.81 1.45 10.68
CA ALA E 124 0.27 2.05 11.43
C ALA E 124 1.12 1.02 12.15
N ILE E 125 0.52 -0.03 12.69
CA ILE E 125 1.26 -1.06 13.42
C ILE E 125 2.25 -1.78 12.51
N PRO E 126 1.87 -2.32 11.35
CA PRO E 126 2.84 -3.06 10.54
C PRO E 126 3.90 -2.21 9.86
N ALA E 127 3.85 -0.89 10.00
CA ALA E 127 4.89 -0.02 9.48
C ALA E 127 6.09 0.08 10.41
N TYR E 128 5.94 -0.32 11.67
CA TYR E 128 7.02 -0.24 12.65
C TYR E 128 7.46 -1.59 13.19
N SER E 129 6.64 -2.61 13.08
CA SER E 129 6.92 -3.93 13.65
C SER E 129 7.07 -4.94 12.52
N LYS E 130 8.29 -5.45 12.34
CA LYS E 130 8.61 -6.44 11.32
C LYS E 130 8.70 -7.84 11.90
N ARG E 131 9.27 -8.79 11.14
CA ARG E 131 9.17 -10.21 11.46
C ARG E 131 9.78 -10.55 12.82
N GLY E 132 10.96 -10.01 13.11
CA GLY E 132 11.66 -10.48 14.30
C GLY E 132 11.30 -9.78 15.60
N ASP E 133 10.31 -8.90 15.58
CA ASP E 133 10.02 -8.05 16.72
C ASP E 133 8.97 -8.68 17.64
N ILE E 134 8.99 -8.25 18.90
CA ILE E 134 8.12 -8.81 19.93
C ILE E 134 7.11 -7.74 20.32
N VAL E 135 5.82 -8.12 20.36
CA VAL E 135 4.74 -7.22 20.71
C VAL E 135 3.98 -7.80 21.89
N PHE E 136 3.80 -7.00 22.94
CA PHE E 136 3.02 -7.38 24.12
C PHE E 136 1.68 -6.69 24.00
N VAL E 137 0.61 -7.46 23.87
CA VAL E 137 -0.71 -6.94 23.57
C VAL E 137 -1.67 -7.29 24.69
N ASP E 138 -2.52 -6.33 25.06
CA ASP E 138 -3.59 -6.62 25.99
C ASP E 138 -4.56 -7.61 25.36
N ARG E 139 -5.22 -8.38 26.21
CA ARG E 139 -6.10 -9.43 25.73
C ARG E 139 -7.44 -8.90 25.24
N ALA E 140 -7.80 -7.67 25.59
CA ALA E 140 -9.08 -7.08 25.21
C ALA E 140 -8.94 -6.03 24.09
N ALA E 141 -7.96 -6.18 23.22
CA ALA E 141 -7.79 -5.25 22.12
C ALA E 141 -8.85 -5.48 21.06
N CYS E 142 -9.25 -4.41 20.40
CA CYS E 142 -10.33 -4.45 19.41
C CYS E 142 -9.86 -5.15 18.13
N PHE E 143 -10.77 -5.22 17.15
CA PHE E 143 -10.50 -6.00 15.94
C PHE E 143 -9.48 -5.33 15.04
N ALA E 144 -9.48 -4.00 14.98
CA ALA E 144 -8.52 -3.29 14.14
C ALA E 144 -7.09 -3.54 14.60
N ILE E 145 -6.87 -3.55 15.92
CA ILE E 145 -5.55 -3.86 16.45
C ILE E 145 -5.15 -5.28 16.07
N GLN E 146 -6.07 -6.24 16.18
CA GLN E 146 -5.75 -7.62 15.83
C GLN E 146 -5.37 -7.75 14.37
N LYS E 147 -6.11 -7.09 13.47
CA LYS E 147 -5.75 -7.15 12.05
C LYS E 147 -4.41 -6.47 11.78
N GLY E 148 -4.14 -5.34 12.41
CA GLY E 148 -2.83 -4.72 12.28
C GLY E 148 -1.69 -5.57 12.79
N LEU E 149 -1.90 -6.31 13.87
CA LEU E 149 -0.90 -7.22 14.38
C LEU E 149 -0.72 -8.44 13.49
N GLN E 150 -1.79 -8.92 12.85
CA GLN E 150 -1.67 -10.02 11.91
C GLN E 150 -0.95 -9.63 10.64
N ALA E 151 -1.17 -8.42 10.13
CA ALA E 151 -0.48 -7.96 8.94
C ALA E 151 1.02 -7.86 9.16
N SER E 152 1.45 -7.47 10.36
CA SER E 152 2.86 -7.48 10.75
C SER E 152 3.22 -8.84 11.34
N ARG E 153 3.78 -9.69 10.51
CA ARG E 153 4.15 -11.05 10.93
C ARG E 153 5.20 -11.10 12.03
N SER E 154 4.83 -10.69 13.24
CA SER E 154 5.78 -10.66 14.34
C SER E 154 5.23 -11.47 15.50
N ASP E 155 6.08 -11.71 16.50
CA ASP E 155 5.73 -12.53 17.64
C ASP E 155 4.81 -11.77 18.60
N ILE E 156 3.67 -12.36 18.92
CA ILE E 156 2.62 -11.68 19.68
C ILE E 156 2.39 -12.44 20.98
N LYS E 157 2.38 -11.72 22.08
CA LYS E 157 2.15 -12.28 23.41
C LYS E 157 1.06 -11.49 24.10
N LEU E 158 -0.01 -12.17 24.49
CA LEU E 158 -1.14 -11.54 25.14
C LEU E 158 -1.00 -11.63 26.66
N PHE E 159 -1.45 -10.60 27.35
CA PHE E 159 -1.47 -10.61 28.80
C PHE E 159 -2.87 -10.28 29.30
N LYS E 160 -3.17 -10.74 30.52
CA LYS E 160 -4.47 -10.54 31.14
C LYS E 160 -4.95 -9.12 30.96
N HIS E 161 -6.23 -8.89 31.19
CA HIS E 161 -6.78 -7.56 31.00
C HIS E 161 -6.54 -6.67 32.22
N ASN E 162 -5.72 -5.64 32.04
CA ASN E 162 -5.55 -4.55 33.00
C ASN E 162 -4.89 -5.01 34.29
N ASP E 163 -3.88 -5.87 34.19
CA ASP E 163 -3.06 -6.22 35.33
C ASP E 163 -1.59 -6.16 34.92
N MET E 164 -0.82 -5.32 35.59
CA MET E 164 0.58 -5.14 35.25
C MET E 164 1.47 -6.21 35.87
N ALA E 165 0.98 -6.94 36.88
CA ALA E 165 1.76 -8.03 37.44
C ALA E 165 1.90 -9.18 36.46
N ASP E 166 1.00 -9.29 35.49
CA ASP E 166 1.12 -10.29 34.44
C ASP E 166 1.93 -9.80 33.25
N LEU E 167 1.92 -8.49 32.99
CA LEU E 167 2.79 -7.97 31.95
C LEU E 167 4.25 -8.03 32.38
N GLU E 168 4.55 -7.61 33.61
CA GLU E 168 5.92 -7.67 34.11
C GLU E 168 6.44 -9.09 34.22
N ARG E 169 5.56 -10.07 34.41
CA ARG E 169 5.96 -11.47 34.35
C ARG E 169 6.40 -11.91 32.97
N LEU E 170 5.76 -11.40 31.91
CA LEU E 170 6.16 -11.68 30.54
C LEU E 170 7.39 -10.91 30.12
N LEU E 171 7.57 -9.69 30.63
CA LEU E 171 8.75 -8.91 30.30
C LEU E 171 10.02 -9.47 30.93
N LYS E 172 9.91 -10.17 32.06
CA LYS E 172 11.06 -10.79 32.69
C LYS E 172 11.46 -12.10 32.05
N GLU E 173 10.62 -12.69 31.22
CA GLU E 173 11.00 -13.91 30.51
C GLU E 173 11.73 -13.61 29.21
N GLN E 174 11.35 -12.53 28.53
CA GLN E 174 12.11 -12.05 27.39
C GLN E 174 13.50 -11.59 27.79
N GLU E 175 13.70 -11.23 29.05
CA GLU E 175 14.99 -10.83 29.55
C GLU E 175 15.87 -12.02 29.96
N ILE E 176 15.27 -13.14 30.37
CA ILE E 176 16.04 -14.36 30.59
C ILE E 176 16.59 -14.93 29.29
N GLU E 177 15.95 -14.64 28.16
CA GLU E 177 16.47 -15.04 26.86
C GLU E 177 17.39 -13.99 26.24
N ASP E 178 17.61 -12.87 26.94
CA ASP E 178 18.55 -11.85 26.48
C ASP E 178 19.99 -12.16 26.88
N GLN E 179 20.22 -13.06 27.82
CA GLN E 179 21.55 -13.57 28.11
C GLN E 179 21.87 -14.87 27.38
N LYS E 180 20.86 -15.51 26.82
CA LYS E 180 21.05 -16.75 26.07
C LYS E 180 21.57 -16.47 24.66
N ASN E 181 21.46 -15.22 24.23
CA ASN E 181 21.91 -14.80 22.91
C ASN E 181 22.01 -13.28 22.85
N PRO E 182 22.99 -12.67 23.52
CA PRO E 182 23.04 -11.21 23.56
C PRO E 182 23.17 -10.56 22.20
N ARG E 183 23.87 -11.20 21.26
CA ARG E 183 24.10 -10.58 19.96
C ARG E 183 22.79 -10.36 19.21
N LYS E 184 21.82 -11.24 19.40
CA LYS E 184 20.50 -11.06 18.82
C LYS E 184 19.60 -10.16 19.66
N ALA E 185 19.94 -9.94 20.92
CA ALA E 185 19.12 -9.10 21.78
C ALA E 185 19.14 -7.64 21.37
N ARG E 186 20.10 -7.24 20.54
CA ARG E 186 20.27 -5.84 20.15
C ARG E 186 19.69 -5.54 18.79
N VAL E 187 18.93 -6.46 18.21
CA VAL E 187 18.31 -6.22 16.90
C VAL E 187 16.83 -6.59 16.92
N THR E 188 16.25 -6.73 18.12
CA THR E 188 14.82 -6.98 18.25
C THR E 188 14.18 -5.79 18.94
N ARG E 189 13.09 -5.29 18.38
CA ARG E 189 12.35 -4.18 18.97
C ARG E 189 11.23 -4.72 19.85
N ARG E 190 10.93 -3.98 20.92
CA ARG E 190 9.87 -4.34 21.87
C ARG E 190 8.79 -3.29 21.82
N PHE E 191 7.55 -3.71 21.64
CA PHE E 191 6.40 -2.82 21.62
C PHE E 191 5.37 -3.28 22.63
N ILE E 192 4.60 -2.32 23.14
CA ILE E 192 3.50 -2.56 24.06
C ILE E 192 2.29 -1.85 23.47
N VAL E 193 1.34 -2.61 22.97
CA VAL E 193 0.10 -2.05 22.44
C VAL E 193 -0.95 -2.07 23.53
N VAL E 194 -1.56 -0.91 23.78
CA VAL E 194 -2.53 -0.74 24.85
C VAL E 194 -3.59 0.21 24.30
N GLU E 195 -4.58 0.54 25.12
CA GLU E 195 -5.62 1.43 24.66
C GLU E 195 -6.43 2.00 25.80
N GLY E 196 -6.73 3.29 25.72
CA GLY E 196 -7.48 3.96 26.76
C GLY E 196 -8.97 3.83 26.51
N LEU E 197 -9.71 3.50 27.57
CA LEU E 197 -11.13 3.19 27.45
C LEU E 197 -11.38 2.08 26.43
N TYR E 198 -11.02 0.85 26.77
CA TYR E 198 -11.32 -0.28 25.90
C TYR E 198 -12.80 -0.33 25.58
N MET E 199 -13.10 -0.56 24.30
CA MET E 199 -14.47 -0.62 23.82
C MET E 199 -15.18 -1.91 24.19
N ASN E 200 -14.47 -3.02 24.28
CA ASN E 200 -15.09 -4.31 24.58
C ASN E 200 -15.39 -4.53 26.04
N THR E 201 -14.86 -3.70 26.93
CA THR E 201 -15.08 -3.84 28.36
C THR E 201 -15.50 -2.57 29.07
N GLY E 202 -15.24 -1.39 28.51
CA GLY E 202 -15.58 -0.15 29.18
C GLY E 202 -14.67 0.23 30.33
N THR E 203 -13.46 -0.29 30.37
CA THR E 203 -12.50 -0.01 31.42
C THR E 203 -11.36 0.87 30.91
N ILE E 204 -10.64 1.48 31.85
CA ILE E 204 -9.55 2.41 31.55
C ILE E 204 -8.24 1.76 31.99
N CYS E 205 -7.21 1.90 31.16
CA CYS E 205 -5.93 1.26 31.43
C CYS E 205 -5.11 2.06 32.43
N PRO E 206 -4.26 1.38 33.23
CA PRO E 206 -3.34 2.10 34.12
C PRO E 206 -2.10 2.59 33.40
N LEU E 207 -2.08 3.87 33.04
CA LEU E 207 -0.97 4.43 32.30
C LEU E 207 0.23 4.80 33.13
N PRO E 208 0.01 5.34 34.32
CA PRO E 208 1.12 5.74 35.19
C PRO E 208 2.04 4.59 35.57
N GLU E 209 1.47 3.41 35.79
CA GLU E 209 2.26 2.24 36.16
C GLU E 209 2.86 1.57 34.95
N LEU E 210 2.29 1.84 33.79
CA LEU E 210 2.75 1.25 32.55
C LEU E 210 3.87 2.07 31.91
N VAL E 211 4.00 3.32 32.32
CA VAL E 211 5.03 4.19 31.78
C VAL E 211 6.35 3.97 32.51
N LYS E 212 6.27 3.45 33.73
CA LYS E 212 7.45 3.18 34.52
C LYS E 212 8.07 1.85 34.11
N LEU E 213 7.27 1.00 33.50
CA LEU E 213 7.74 -0.30 33.04
C LEU E 213 8.41 -0.16 31.68
N LYS E 214 8.07 0.89 30.97
CA LYS E 214 8.62 1.14 29.64
C LYS E 214 10.09 1.51 29.72
N TYR E 215 10.43 2.39 30.66
CA TYR E 215 11.81 2.83 30.83
C TYR E 215 12.69 1.81 31.54
N LYS E 216 12.06 0.85 32.22
CA LYS E 216 12.80 -0.18 32.94
C LYS E 216 13.11 -1.41 32.10
N TYR E 217 12.33 -1.64 31.05
CA TYR E 217 12.55 -2.81 30.19
C TYR E 217 12.80 -2.45 28.73
N LYS E 218 12.97 -1.16 28.45
CA LYS E 218 13.26 -0.67 27.11
C LYS E 218 12.30 -1.09 25.99
N ALA E 219 11.02 -0.87 26.20
CA ALA E 219 9.94 -1.15 25.27
C ALA E 219 9.14 0.10 24.97
N ARG E 220 8.60 0.19 23.76
CA ARG E 220 7.90 1.40 23.29
C ARG E 220 6.40 1.20 23.30
N ILE E 221 5.68 2.22 23.77
CA ILE E 221 4.23 2.16 23.94
C ILE E 221 3.55 2.66 22.67
N PHE E 222 2.40 2.08 22.33
CA PHE E 222 1.55 2.52 21.21
C PHE E 222 0.14 2.72 21.77
N LEU E 223 -0.24 3.97 22.01
CA LEU E 223 -1.56 4.24 22.54
C LEU E 223 -2.59 4.37 21.42
N GLU E 224 -3.73 3.72 21.60
CA GLU E 224 -4.80 3.74 20.61
C GLU E 224 -6.05 4.24 21.29
N GLU E 225 -6.20 5.56 21.39
CA GLU E 225 -7.29 6.14 22.16
C GLU E 225 -8.37 6.68 21.21
N SER E 226 -9.20 5.76 20.73
CA SER E 226 -10.31 6.09 19.85
C SER E 226 -11.58 6.46 20.58
N LEU E 227 -11.73 5.99 21.81
CA LEU E 227 -12.95 6.24 22.59
C LEU E 227 -12.80 7.29 23.67
N SER E 228 -11.56 7.66 23.96
CA SER E 228 -11.30 8.66 24.99
C SER E 228 -10.86 10.00 24.43
N PHE E 229 -10.49 10.07 23.16
CA PHE E 229 -10.18 11.35 22.54
C PHE E 229 -11.46 12.17 22.48
N GLY E 230 -11.40 13.40 22.99
CA GLY E 230 -12.57 14.25 23.06
C GLY E 230 -13.51 13.94 24.20
N VAL E 231 -13.15 13.03 25.09
CA VAL E 231 -14.04 12.65 26.20
C VAL E 231 -13.34 12.88 27.53
N LEU E 232 -12.27 12.15 27.78
CA LEU E 232 -11.55 12.25 29.04
C LEU E 232 -10.71 13.51 29.13
N GLY E 233 -10.22 13.82 30.32
CA GLY E 233 -9.42 15.01 30.51
C GLY E 233 -10.30 16.21 30.81
N GLU E 234 -9.67 17.36 31.03
CA GLU E 234 -10.40 18.58 31.32
C GLU E 234 -10.57 19.41 30.05
N HIS E 235 -9.75 19.11 29.05
CA HIS E 235 -9.80 19.81 27.78
C HIS E 235 -10.11 18.84 26.64
N GLY E 236 -10.51 17.63 27.01
CA GLY E 236 -10.86 16.61 26.04
C GLY E 236 -9.68 16.05 25.27
N ARG E 237 -8.49 16.14 25.83
CA ARG E 237 -7.30 15.65 25.15
C ARG E 237 -7.23 14.12 25.13
N GLY E 238 -7.70 13.48 26.20
CA GLY E 238 -7.68 12.03 26.25
C GLY E 238 -7.28 11.46 27.59
N VAL E 239 -6.63 10.31 27.55
CA VAL E 239 -6.20 9.63 28.76
C VAL E 239 -4.93 10.21 29.36
N THR E 240 -4.03 10.67 28.49
CA THR E 240 -2.78 11.28 28.92
C THR E 240 -2.99 12.54 29.74
N GLU E 241 -4.15 13.15 29.58
CA GLU E 241 -4.49 14.36 30.31
C GLU E 241 -5.26 14.01 31.59
N HIS E 242 -5.97 12.88 31.57
CA HIS E 242 -6.71 12.43 32.74
C HIS E 242 -5.78 12.11 33.90
N TYR E 243 -4.52 11.77 33.62
CA TYR E 243 -3.55 11.41 34.63
C TYR E 243 -2.55 12.52 34.93
N GLY E 244 -2.01 13.15 33.90
CA GLY E 244 -1.02 14.20 34.08
C GLY E 244 0.30 13.83 33.45
N ILE E 245 0.25 12.95 32.47
CA ILE E 245 1.44 12.37 31.88
C ILE E 245 1.93 13.24 30.74
N ASN E 246 3.25 13.46 30.68
CA ASN E 246 3.82 14.22 29.58
C ASN E 246 3.59 13.50 28.27
N ILE E 247 3.08 14.25 27.28
CA ILE E 247 2.69 13.66 26.00
C ILE E 247 3.84 13.02 25.25
N ASP E 248 5.08 13.33 25.62
CA ASP E 248 6.27 12.87 24.91
C ASP E 248 6.69 11.46 25.31
N ASP E 249 5.99 10.83 26.24
CA ASP E 249 6.38 9.52 26.76
C ASP E 249 5.71 8.36 26.03
N ILE E 250 4.88 8.62 25.02
CA ILE E 250 3.96 7.63 24.50
C ILE E 250 4.40 7.09 23.15
N ASP E 251 5.11 7.88 22.36
CA ASP E 251 5.58 7.42 21.07
C ASP E 251 4.56 7.63 19.94
N LEU E 252 3.47 6.88 19.98
CA LEU E 252 2.43 7.02 18.96
C LEU E 252 1.05 7.04 19.59
N ILE E 253 0.15 7.85 19.05
CA ILE E 253 -1.22 7.94 19.54
C ILE E 253 -2.19 7.97 18.37
N SER E 254 -2.98 6.92 18.23
CA SER E 254 -3.93 6.85 17.14
C SER E 254 -5.37 6.97 17.60
N ALA E 255 -6.19 7.61 16.78
CA ALA E 255 -7.61 7.80 17.07
C ALA E 255 -8.35 7.93 15.76
N ASN E 256 -9.67 8.00 15.83
CA ASN E 256 -10.46 8.22 14.63
C ASN E 256 -11.33 9.46 14.79
N MET E 257 -11.79 9.98 13.66
CA MET E 257 -12.56 11.21 13.59
C MET E 257 -14.05 10.93 13.40
N GLU E 258 -14.51 9.81 13.94
CA GLU E 258 -15.86 9.31 13.64
C GLU E 258 -16.75 9.21 14.88
N ASN E 259 -16.22 9.48 16.07
CA ASN E 259 -16.98 9.25 17.30
C ASN E 259 -17.34 10.58 17.97
N ALA E 260 -16.35 11.36 18.39
CA ALA E 260 -16.68 12.64 19.02
C ALA E 260 -16.74 13.76 18.00
N LEU E 261 -15.98 13.64 16.92
CA LEU E 261 -15.95 14.67 15.90
C LEU E 261 -17.07 14.54 14.88
N ALA E 262 -17.80 13.44 14.88
CA ALA E 262 -18.98 13.23 14.03
C ALA E 262 -18.65 13.43 12.56
N SER E 263 -17.62 12.73 12.11
CA SER E 263 -17.16 12.84 10.73
C SER E 263 -16.58 11.50 10.28
N ILE E 264 -15.75 11.51 9.24
CA ILE E 264 -15.18 10.29 8.68
C ILE E 264 -13.67 10.38 8.72
N GLY E 265 -13.01 9.28 9.06
CA GLY E 265 -11.57 9.17 8.96
C GLY E 265 -10.91 8.94 10.31
N GLY E 266 -9.59 8.81 10.27
CA GLY E 266 -8.80 8.67 11.48
C GLY E 266 -7.55 9.50 11.39
N PHE E 267 -6.84 9.61 12.51
CA PHE E 267 -5.58 10.32 12.53
C PHE E 267 -4.62 9.67 13.52
N CYS E 268 -3.36 10.02 13.35
CA CYS E 268 -2.24 9.52 14.16
C CYS E 268 -1.36 10.70 14.50
N CYS E 269 -0.94 10.81 15.75
CA CYS E 269 -0.11 11.93 16.17
C CYS E 269 1.09 11.43 16.97
N GLY E 270 2.13 12.27 16.99
CA GLY E 270 3.38 11.96 17.64
C GLY E 270 4.48 12.95 17.25
N ARG E 271 5.73 12.56 17.46
CA ARG E 271 6.88 13.36 17.05
C ARG E 271 7.15 13.15 15.57
N SER E 272 7.90 14.08 14.99
CA SER E 272 8.20 14.00 13.56
C SER E 272 9.02 12.75 13.23
N PHE E 273 9.96 12.40 14.11
CA PHE E 273 10.85 11.26 13.88
C PHE E 273 10.07 9.95 13.67
N VAL E 274 8.88 9.86 14.24
CA VAL E 274 8.08 8.65 14.08
C VAL E 274 6.91 8.85 13.12
N ILE E 275 6.36 10.06 13.05
CA ILE E 275 5.22 10.30 12.17
C ILE E 275 5.62 10.37 10.70
N ASP E 276 6.72 11.05 10.37
CA ASP E 276 7.04 11.27 8.96
C ASP E 276 7.47 10.00 8.24
N HIS E 277 7.50 8.86 8.92
CA HIS E 277 7.85 7.59 8.31
C HIS E 277 6.65 6.84 7.75
N GLN E 278 5.44 7.11 8.25
CA GLN E 278 4.25 6.47 7.71
C GLN E 278 3.83 7.03 6.37
N ARG E 279 4.34 8.20 5.99
CA ARG E 279 3.93 8.80 4.73
C ARG E 279 4.44 8.03 3.53
N LEU E 280 5.51 7.25 3.70
CA LEU E 280 6.08 6.48 2.61
C LEU E 280 5.90 4.98 2.77
N SER E 281 5.26 4.53 3.85
CA SER E 281 5.05 3.10 4.06
C SER E 281 3.65 2.73 4.51
N GLY E 282 2.86 3.65 5.05
CA GLY E 282 1.50 3.35 5.45
C GLY E 282 0.66 2.87 4.28
N GLN E 283 0.29 1.60 4.30
CA GLN E 283 -0.30 0.95 3.12
C GLN E 283 -1.60 1.63 2.69
N GLY E 284 -2.48 1.92 3.63
CA GLY E 284 -3.72 2.56 3.32
C GLY E 284 -3.62 4.04 3.04
N TYR E 285 -2.42 4.61 3.23
CA TYR E 285 -2.18 6.02 2.95
C TYR E 285 -1.56 6.25 1.58
N CYS E 286 -0.77 5.30 1.08
CA CYS E 286 -0.08 5.46 -0.19
C CYS E 286 -0.89 4.96 -1.37
N PHE E 287 -1.78 3.99 -1.14
CA PHE E 287 -2.53 3.40 -2.25
C PHE E 287 -4.03 3.59 -2.09
N SER E 288 -4.46 4.77 -1.66
CA SER E 288 -5.88 5.02 -1.52
C SER E 288 -6.15 6.50 -1.73
N ALA E 289 -7.37 6.80 -2.19
CA ALA E 289 -7.79 8.18 -2.37
C ALA E 289 -7.89 8.88 -1.02
N SER E 290 -7.67 10.18 -1.01
CA SER E 290 -7.72 10.94 0.23
C SER E 290 -9.13 11.23 0.72
N LEU E 291 -9.21 11.92 1.84
CA LEU E 291 -10.47 12.28 2.47
C LEU E 291 -11.11 13.45 1.74
N PRO E 292 -12.39 13.30 1.32
CA PRO E 292 -13.09 14.37 0.61
C PRO E 292 -13.04 15.68 1.37
N PRO E 293 -12.76 16.78 0.66
CA PRO E 293 -12.63 18.14 1.22
C PRO E 293 -13.78 18.62 2.11
N LEU E 294 -15.02 18.21 1.85
CA LEU E 294 -16.15 18.63 2.67
C LEU E 294 -16.26 17.88 4.00
N LEU E 295 -15.54 16.77 4.11
CA LEU E 295 -15.54 15.96 5.32
C LEU E 295 -14.46 16.48 6.25
N ALA E 296 -13.40 17.00 5.65
CA ALA E 296 -12.27 17.55 6.41
C ALA E 296 -12.62 18.93 6.94
N ALA E 297 -13.53 19.62 6.28
CA ALA E 297 -13.95 20.94 6.69
C ALA E 297 -14.93 20.88 7.85
N ALA E 298 -15.59 19.73 7.99
CA ALA E 298 -16.56 19.52 9.05
C ALA E 298 -15.86 19.08 10.33
N ALA E 299 -14.60 18.68 10.22
CA ALA E 299 -13.84 18.25 11.38
C ALA E 299 -13.07 19.41 11.98
N ILE E 300 -12.70 20.38 11.16
CA ILE E 300 -11.97 21.55 11.63
C ILE E 300 -12.88 22.46 12.43
N GLU E 301 -14.16 22.47 12.08
CA GLU E 301 -15.13 23.30 12.78
C GLU E 301 -15.48 22.68 14.11
N ALA E 302 -15.42 21.35 14.17
CA ALA E 302 -15.69 20.63 15.40
C ALA E 302 -14.53 20.90 16.34
N LEU E 303 -13.33 20.92 15.80
CA LEU E 303 -12.14 21.20 16.57
C LEU E 303 -12.23 22.61 17.11
N ASN E 304 -12.71 23.53 16.30
CA ASN E 304 -12.87 24.92 16.75
C ASN E 304 -13.89 25.03 17.87
N ILE E 305 -15.03 24.34 17.74
CA ILE E 305 -16.04 24.35 18.80
C ILE E 305 -15.55 23.68 20.07
N MET E 306 -14.85 22.56 19.96
CA MET E 306 -14.29 21.90 21.13
C MET E 306 -13.34 22.81 21.89
N GLU E 307 -12.48 23.54 21.18
CA GLU E 307 -11.54 24.44 21.84
C GLU E 307 -12.19 25.74 22.31
N GLU E 308 -13.31 26.11 21.71
CA GLU E 308 -13.94 27.38 22.06
C GLU E 308 -14.44 27.38 23.50
N ASN E 309 -15.11 26.30 23.90
CA ASN E 309 -15.52 26.17 25.29
C ASN E 309 -15.21 24.76 25.78
N PRO E 310 -14.34 24.61 26.76
CA PRO E 310 -13.98 23.27 27.22
C PRO E 310 -14.88 22.80 28.35
N GLY E 311 -15.97 23.51 28.58
CA GLY E 311 -16.90 23.16 29.63
C GLY E 311 -17.93 22.14 29.18
N ILE E 312 -17.76 21.62 27.97
CA ILE E 312 -18.68 20.64 27.43
C ILE E 312 -18.27 19.23 27.82
N PHE E 313 -17.06 19.11 28.35
CA PHE E 313 -16.55 17.81 28.77
C PHE E 313 -16.89 17.55 30.23
N ALA E 314 -17.30 18.61 30.92
CA ALA E 314 -17.66 18.50 32.34
C ALA E 314 -19.12 18.13 32.50
N VAL E 315 -19.91 18.37 31.48
CA VAL E 315 -21.33 18.04 31.53
C VAL E 315 -21.58 16.62 31.05
N LEU E 316 -20.69 16.11 30.21
CA LEU E 316 -20.82 14.76 29.69
C LEU E 316 -20.34 13.72 30.71
N LYS E 317 -19.55 14.16 31.67
CA LYS E 317 -19.04 13.25 32.69
C LYS E 317 -19.92 13.23 33.92
N GLU E 318 -20.66 14.31 34.14
CA GLU E 318 -21.54 14.38 35.30
C GLU E 318 -22.82 13.61 35.06
N LYS E 319 -23.16 13.41 33.80
CA LYS E 319 -24.36 12.65 33.44
C LYS E 319 -23.96 11.26 32.95
N CYS E 320 -22.70 10.90 33.18
CA CYS E 320 -22.15 9.61 32.81
C CYS E 320 -22.18 8.71 34.03
N GLY E 321 -22.03 9.33 35.19
CA GLY E 321 -22.07 8.62 36.45
C GLY E 321 -23.42 8.76 37.12
N GLN E 322 -24.40 9.21 36.34
CA GLN E 322 -25.75 9.38 36.85
C GLN E 322 -26.61 8.22 36.37
N ILE E 323 -26.38 7.79 35.13
CA ILE E 323 -27.13 6.68 34.56
C ILE E 323 -26.44 5.37 34.95
N HIS E 324 -25.17 5.46 35.29
CA HIS E 324 -24.39 4.28 35.68
C HIS E 324 -24.69 3.92 37.13
N LYS E 325 -25.16 4.89 37.90
CA LYS E 325 -25.49 4.67 39.30
C LYS E 325 -26.97 4.34 39.47
N ALA E 326 -27.74 4.55 38.41
CA ALA E 326 -29.17 4.27 38.44
C ALA E 326 -29.47 2.93 37.78
N LEU E 327 -28.43 2.22 37.39
CA LEU E 327 -28.59 0.93 36.76
C LEU E 327 -28.06 -0.18 37.66
N GLN E 328 -27.58 0.19 38.85
CA GLN E 328 -27.07 -0.82 39.78
C GLN E 328 -28.19 -1.31 40.68
N GLY E 329 -29.29 -1.70 40.05
CA GLY E 329 -30.40 -2.29 40.77
C GLY E 329 -31.02 -3.46 40.05
N ILE E 330 -30.67 -3.64 38.78
CA ILE E 330 -31.33 -4.65 37.95
C ILE E 330 -30.94 -6.03 38.44
N SER E 331 -31.92 -6.93 38.51
CA SER E 331 -31.70 -8.30 38.94
C SER E 331 -31.77 -9.21 37.71
N GLY E 332 -30.60 -9.58 37.20
CA GLY E 332 -30.52 -10.40 36.01
C GLY E 332 -29.45 -9.91 35.08
N LEU E 333 -29.24 -8.60 35.04
CA LEU E 333 -28.18 -7.98 34.26
C LEU E 333 -27.19 -7.29 35.18
N LYS E 334 -25.93 -7.26 34.76
CA LYS E 334 -24.87 -6.63 35.54
C LYS E 334 -24.16 -5.60 34.68
N VAL E 335 -23.85 -4.45 35.27
CA VAL E 335 -23.18 -3.39 34.54
C VAL E 335 -21.69 -3.69 34.46
N VAL E 336 -21.12 -3.54 33.26
CA VAL E 336 -19.71 -3.84 33.03
C VAL E 336 -19.02 -2.62 32.46
N GLY E 337 -18.35 -1.84 33.31
CA GLY E 337 -17.61 -0.69 32.83
C GLY E 337 -17.34 0.35 33.88
N GLU E 338 -16.38 1.23 33.61
CA GLU E 338 -16.02 2.29 34.54
C GLU E 338 -17.10 3.35 34.62
N SER E 339 -17.08 4.12 35.70
CA SER E 339 -18.07 5.17 35.91
C SER E 339 -17.79 6.43 35.10
N LEU E 340 -16.61 6.56 34.51
CA LEU E 340 -16.25 7.75 33.75
C LEU E 340 -16.23 7.50 32.26
N SER E 341 -16.76 6.37 31.80
CA SER E 341 -16.88 5.92 30.43
C SER E 341 -18.29 6.15 29.91
N PRO E 342 -18.44 6.70 28.72
CA PRO E 342 -19.78 6.93 28.18
C PRO E 342 -20.29 5.78 27.31
N ALA E 343 -19.63 4.62 27.34
CA ALA E 343 -20.00 3.55 26.43
C ALA E 343 -20.01 2.17 27.10
N PHE E 344 -20.29 2.12 28.40
CA PHE E 344 -20.30 0.87 29.15
C PHE E 344 -21.35 -0.13 28.67
N HIS E 345 -21.14 -1.40 28.95
CA HIS E 345 -21.99 -2.50 28.50
C HIS E 345 -22.99 -2.88 29.59
N LEU E 346 -23.73 -3.94 29.31
CA LEU E 346 -24.82 -4.41 30.18
C LEU E 346 -24.96 -5.91 29.93
N GLN E 347 -24.24 -6.71 30.71
CA GLN E 347 -24.11 -8.12 30.41
C GLN E 347 -25.10 -8.97 31.19
N LEU E 348 -25.21 -10.23 30.76
CA LEU E 348 -26.14 -11.18 31.36
C LEU E 348 -25.55 -11.99 32.50
N GLU E 349 -26.20 -11.94 33.66
CA GLU E 349 -25.76 -12.68 34.83
C GLU E 349 -26.27 -14.11 34.67
N GLU E 350 -25.51 -15.07 35.19
CA GLU E 350 -25.87 -16.50 35.10
C GLU E 350 -26.23 -16.95 33.69
N SER E 351 -25.24 -16.98 32.81
CA SER E 351 -25.45 -17.41 31.43
C SER E 351 -26.06 -18.80 31.40
N THR E 352 -27.07 -18.97 30.55
CA THR E 352 -27.76 -20.26 30.44
C THR E 352 -26.80 -21.44 30.22
N GLY E 353 -26.08 -21.42 29.09
CA GLY E 353 -25.16 -22.49 28.79
C GLY E 353 -24.70 -22.48 27.35
N SER E 354 -25.40 -21.72 26.50
CA SER E 354 -25.06 -21.63 25.10
C SER E 354 -25.19 -20.19 24.61
N ARG E 355 -24.28 -19.77 23.73
CA ARG E 355 -24.31 -18.42 23.20
C ARG E 355 -25.61 -18.10 22.47
N GLU E 356 -26.05 -19.01 21.61
CA GLU E 356 -27.27 -18.83 20.84
C GLU E 356 -28.47 -18.43 21.69
N GLN E 357 -28.66 -19.12 22.81
CA GLN E 357 -29.78 -18.83 23.71
C GLN E 357 -29.59 -17.50 24.41
N ASP E 358 -28.34 -17.13 24.68
CA ASP E 358 -28.01 -15.89 25.35
C ASP E 358 -28.40 -14.71 24.46
N VAL E 359 -28.02 -14.79 23.19
CA VAL E 359 -28.29 -13.75 22.22
C VAL E 359 -29.78 -13.56 21.94
N ARG E 360 -30.56 -14.63 22.04
CA ARG E 360 -31.99 -14.54 21.80
C ARG E 360 -32.71 -13.94 23.00
N LEU E 361 -32.08 -14.04 24.17
CA LEU E 361 -32.66 -13.48 25.38
C LEU E 361 -32.43 -11.97 25.39
N LEU E 362 -31.24 -11.54 24.99
CA LEU E 362 -30.91 -10.12 24.95
C LEU E 362 -31.62 -9.43 23.80
N GLN E 363 -31.90 -10.17 22.74
CA GLN E 363 -32.60 -9.61 21.59
C GLN E 363 -34.04 -9.33 21.99
N GLU E 364 -34.59 -10.20 22.83
CA GLU E 364 -35.94 -10.01 23.33
C GLU E 364 -36.11 -8.71 24.09
N ILE E 365 -35.18 -8.39 25.00
CA ILE E 365 -35.22 -7.12 25.72
C ILE E 365 -35.02 -5.95 24.77
N VAL E 366 -34.08 -6.06 23.84
CA VAL E 366 -33.84 -4.97 22.90
C VAL E 366 -35.09 -4.67 22.08
N ASP E 367 -35.77 -5.70 21.57
CA ASP E 367 -36.97 -5.51 20.78
C ASP E 367 -38.15 -5.02 21.62
N GLN E 368 -38.26 -5.50 22.85
CA GLN E 368 -39.36 -5.11 23.73
C GLN E 368 -39.20 -3.71 24.32
N CYS E 369 -37.99 -3.20 24.28
CA CYS E 369 -37.69 -1.87 24.82
C CYS E 369 -37.92 -0.79 23.79
N MET E 370 -37.56 -1.08 22.55
CA MET E 370 -37.74 -0.14 21.45
C MET E 370 -39.21 0.23 21.25
N ASN E 371 -40.10 -0.67 21.62
CA ASN E 371 -41.55 -0.48 21.48
C ASN E 371 -42.01 0.72 22.27
N ARG E 372 -41.27 1.08 23.31
CA ARG E 372 -41.60 2.24 24.10
C ARG E 372 -40.97 3.42 23.36
N SER E 373 -39.80 3.87 23.83
CA SER E 373 -39.11 4.97 23.19
C SER E 373 -37.63 4.97 23.55
N ILE E 374 -36.98 3.82 23.42
CA ILE E 374 -35.57 3.70 23.74
C ILE E 374 -34.86 2.81 22.75
N ALA E 375 -34.03 3.40 21.89
CA ALA E 375 -33.29 2.63 20.90
C ALA E 375 -31.96 2.14 21.46
N LEU E 376 -31.83 0.82 21.57
CA LEU E 376 -30.60 0.21 22.06
C LEU E 376 -30.18 -0.87 21.08
N THR E 377 -28.93 -1.28 21.14
CA THR E 377 -28.44 -2.33 20.27
C THR E 377 -27.45 -3.16 21.06
N GLN E 378 -27.24 -4.40 20.63
CA GLN E 378 -26.28 -5.24 21.33
C GLN E 378 -25.01 -5.26 20.50
N ALA E 379 -23.88 -5.44 21.17
CA ALA E 379 -22.59 -5.49 20.50
C ALA E 379 -22.51 -6.65 19.54
N ARG E 380 -21.86 -6.42 18.40
CA ARG E 380 -21.75 -7.41 17.35
C ARG E 380 -20.29 -7.80 17.16
N TYR E 381 -20.02 -9.09 17.08
CA TYR E 381 -18.67 -9.61 16.89
C TYR E 381 -18.69 -10.68 15.80
N LEU E 382 -17.51 -10.96 15.26
CA LEU E 382 -17.30 -12.05 14.31
C LEU E 382 -16.79 -13.25 15.09
N GLU E 383 -17.70 -14.16 15.41
CA GLU E 383 -17.42 -15.20 16.41
C GLU E 383 -16.26 -16.11 16.03
N LYS E 384 -16.22 -16.56 14.78
CA LYS E 384 -15.15 -17.45 14.36
C LYS E 384 -13.80 -16.74 14.24
N GLU E 385 -13.79 -15.53 13.67
CA GLU E 385 -12.55 -14.81 13.37
C GLU E 385 -12.29 -13.79 14.48
N GLU E 386 -11.95 -14.26 15.67
CA GLU E 386 -11.59 -13.35 16.75
C GLU E 386 -10.83 -14.11 17.82
N LYS E 387 -9.91 -13.42 18.48
CA LYS E 387 -9.01 -14.05 19.43
C LYS E 387 -9.72 -14.43 20.72
N CYS E 388 -10.21 -13.44 21.45
CA CYS E 388 -10.91 -13.68 22.72
C CYS E 388 -12.29 -13.05 22.58
N LEU E 389 -13.28 -13.89 22.35
CA LEU E 389 -14.63 -13.42 22.06
C LEU E 389 -15.33 -12.99 23.34
N PRO E 390 -15.76 -11.74 23.45
CA PRO E 390 -16.44 -11.28 24.67
C PRO E 390 -17.86 -11.81 24.73
N PRO E 391 -18.49 -11.81 25.91
CA PRO E 391 -19.86 -12.31 26.04
C PRO E 391 -20.86 -11.38 25.38
N PRO E 392 -22.07 -11.86 25.11
CA PRO E 392 -23.11 -10.97 24.56
C PRO E 392 -23.51 -9.90 25.57
N SER E 393 -23.85 -8.72 25.07
CA SER E 393 -24.21 -7.61 25.93
C SER E 393 -24.98 -6.57 25.14
N ILE E 394 -25.64 -5.66 25.86
CA ILE E 394 -26.37 -4.55 25.28
C ILE E 394 -25.59 -3.29 25.57
N ARG E 395 -25.08 -2.65 24.52
CA ARG E 395 -24.32 -1.42 24.65
C ARG E 395 -25.21 -0.26 25.07
N VAL E 396 -24.69 0.60 25.94
CA VAL E 396 -25.42 1.80 26.37
C VAL E 396 -24.50 2.99 26.17
N VAL E 397 -24.95 3.97 25.40
CA VAL E 397 -24.13 5.13 25.03
C VAL E 397 -24.81 6.41 25.53
N VAL E 398 -24.00 7.33 26.05
CA VAL E 398 -24.50 8.57 26.65
C VAL E 398 -23.93 9.75 25.88
N THR E 399 -24.76 10.78 25.68
CA THR E 399 -24.32 11.99 25.00
C THR E 399 -24.61 13.22 25.86
N VAL E 400 -24.49 14.41 25.30
CA VAL E 400 -24.80 15.65 26.01
C VAL E 400 -26.17 16.19 25.63
N GLU E 401 -26.85 15.50 24.73
CA GLU E 401 -28.18 15.93 24.28
C GLU E 401 -29.26 15.45 25.24
N GLN E 402 -29.18 14.18 25.63
CA GLN E 402 -30.16 13.61 26.55
C GLN E 402 -30.27 14.43 27.82
N THR E 403 -31.49 14.69 28.26
CA THR E 403 -31.71 15.47 29.46
C THR E 403 -31.76 14.59 30.71
N GLU E 404 -31.98 15.21 31.86
CA GLU E 404 -32.03 14.49 33.12
C GLU E 404 -33.29 13.64 33.20
N GLU E 405 -34.39 14.17 32.71
CA GLU E 405 -35.67 13.47 32.72
C GLU E 405 -35.64 12.23 31.85
N GLU E 406 -34.92 12.29 30.74
CA GLU E 406 -34.82 11.17 29.82
C GLU E 406 -33.87 10.10 30.33
N LEU E 407 -32.77 10.53 30.95
CA LEU E 407 -31.78 9.61 31.48
C LEU E 407 -32.36 8.74 32.58
N GLU E 408 -33.17 9.35 33.43
CA GLU E 408 -33.79 8.66 34.55
C GLU E 408 -34.92 7.74 34.10
N ARG E 409 -35.68 8.18 33.09
CA ARG E 409 -36.79 7.39 32.59
C ARG E 409 -36.37 6.25 31.66
N ALA E 410 -35.12 6.28 31.22
CA ALA E 410 -34.61 5.23 30.34
C ALA E 410 -34.01 4.13 31.19
N ALA E 411 -33.54 4.51 32.37
CA ALA E 411 -32.93 3.56 33.29
C ALA E 411 -33.99 2.75 34.02
N SER E 412 -35.20 3.28 34.08
CA SER E 412 -36.31 2.58 34.73
C SER E 412 -37.04 1.69 33.74
N THR E 413 -36.99 2.06 32.47
CA THR E 413 -37.66 1.28 31.43
C THR E 413 -36.91 0.00 31.10
N ILE E 414 -35.62 -0.04 31.40
CA ILE E 414 -34.80 -1.20 31.14
C ILE E 414 -34.82 -2.17 32.32
N LYS E 415 -35.44 -1.74 33.41
CA LYS E 415 -35.55 -2.55 34.60
C LYS E 415 -36.84 -3.35 34.57
N GLU E 416 -37.93 -2.69 34.22
CA GLU E 416 -39.24 -3.34 34.15
C GLU E 416 -39.30 -4.41 33.07
N VAL E 417 -38.65 -4.16 31.93
CA VAL E 417 -38.65 -5.14 30.85
C VAL E 417 -37.66 -6.26 31.07
N ALA E 418 -36.60 -6.00 31.84
CA ALA E 418 -35.61 -7.04 32.09
C ALA E 418 -35.96 -7.91 33.28
N GLN E 419 -36.78 -7.41 34.20
CA GLN E 419 -37.26 -8.21 35.31
C GLN E 419 -38.47 -9.06 34.94
N ALA E 420 -38.96 -8.94 33.72
CA ALA E 420 -40.10 -9.72 33.23
C ALA E 420 -39.74 -10.59 32.03
N VAL E 421 -38.44 -10.73 31.74
CA VAL E 421 -37.99 -11.56 30.63
C VAL E 421 -37.01 -12.59 31.16
N LEU E 422 -36.32 -12.24 32.26
CA LEU E 422 -35.24 -13.05 32.81
C LEU E 422 -35.61 -13.74 34.13
N LEU E 423 -36.88 -14.03 34.35
CA LEU E 423 -37.27 -14.73 35.57
C LEU E 423 -37.96 -16.04 35.23
N1 PLP F . -8.36 -0.77 -4.70
C2 PLP F . -8.21 -1.17 -5.98
C2A PLP F . -8.36 -2.63 -6.33
C3 PLP F . -7.91 -0.18 -7.04
O3 PLP F . -7.76 -0.57 -8.34
C4 PLP F . -7.78 1.23 -6.64
C4A PLP F . -7.48 2.30 -7.62
C5 PLP F . -7.96 1.54 -5.20
C6 PLP F . -8.24 0.50 -4.31
C5A PLP F . -7.84 2.96 -4.70
O4P PLP F . -8.76 3.17 -3.64
P PLP F . -9.89 4.32 -3.75
O1P PLP F . -11.06 3.62 -4.42
O2P PLP F . -10.14 4.73 -2.33
O3P PLP F . -9.24 5.38 -4.60
O19 6CM G . 20.11 -1.99 -5.49
C19 6CM G . 20.70 -2.98 -5.84
N2 6CM G . 21.06 -3.95 -5.00
C2 6CM G . 22.10 -3.78 -4.00
C1 6CM G . 21.50 -4.01 -2.61
O1 6CM G . 21.72 -5.36 -2.19
C3 6CM G . 23.25 -4.75 -4.25
C4 6CM G . 24.23 -4.15 -5.21
C5 6CM G . 24.45 -4.73 -6.39
C6 6CM G . 25.43 -4.11 -7.35
C7 6CM G . 25.56 -2.61 -7.07
C8 6CM G . 26.26 -1.90 -8.22
C9 6CM G . 27.27 -0.88 -7.70
C10 6CM G . 27.68 0.08 -8.81
C11 6CM G . 29.10 -0.17 -9.27
C12 6CM G . 29.31 0.32 -10.69
C13 6CM G . 29.35 1.84 -10.76
C14 6CM G . 30.14 2.32 -11.96
C15 6CM G . 29.24 2.55 -13.17
C16 6CM G . 29.86 3.59 -14.10
C17 6CM G . 30.68 4.60 -13.33
C18 6CM G . 31.39 5.56 -14.27
O3 6CM G . 23.90 -5.04 -3.01
C20 6CM G . 21.08 -3.18 -7.29
C21 6CM G . 20.45 -2.09 -8.14
C22 6CM G . 21.09 -2.06 -9.52
C23 6CM G . 22.11 -0.94 -9.65
C24 6CM G . 23.06 -1.16 -10.80
C27 R16 H . 28.62 2.95 -24.63
C28 R16 H . 29.32 2.42 -23.40
C29 R16 H . 29.13 3.37 -22.22
C30 R16 H . 29.95 2.91 -21.02
C31 R16 H . 29.21 1.82 -20.26
C32 R16 H . 30.19 0.86 -19.61
C33 R16 H . 30.12 0.95 -18.10
C34 R16 H . 28.71 0.70 -17.59
C35 R16 H . 28.73 0.12 -16.19
C36 R16 H . 27.56 0.63 -15.35
C37 R16 H . 27.46 -0.14 -14.04
C38 R16 H . 27.09 -1.59 -14.31
C39 R16 H . 26.06 -2.09 -13.30
C40 R16 H . 25.95 -3.60 -13.34
C41 R16 H . 26.87 -4.24 -12.31
C42 R16 H . 26.05 -5.12 -11.41
C28 R16 I . 34.84 -1.57 -7.06
C29 R16 I . 33.76 -1.54 -8.12
C30 R16 I . 33.43 -2.95 -8.58
C31 R16 I . 34.41 -3.43 -9.64
C32 R16 I . 33.85 -3.22 -11.04
C33 R16 I . 33.76 -4.55 -11.78
C34 R16 I . 32.55 -5.35 -11.31
C35 R16 I . 32.64 -5.65 -9.83
C36 R16 I . 31.45 -5.06 -9.08
C37 R16 I . 30.21 -5.91 -9.27
C38 R16 I . 30.59 -7.39 -9.32
C39 R16 I . 29.39 -8.25 -8.95
C40 R16 I . 28.36 -7.44 -8.19
#